data_4WZS
#
_entry.id   4WZS
#
_cell.length_a   150.629
_cell.length_b   140.274
_cell.length_c   90.778
_cell.angle_alpha   90.00
_cell.angle_beta   113.70
_cell.angle_gamma   90.00
#
_symmetry.space_group_name_H-M   'C 1 2 1'
#
loop_
_entity.id
_entity.type
_entity.pdbx_description
1 polymer 'ECU11_1470 protein'
2 polymer 'TATA-binding protein-associated phosphoprotein'
3 polymer 'Similarity to HELICASE MOT1'
4 polymer 'ECU04_1440 protein'
5 polymer "DNA (5'-D(P*CP*CP*AP*CP*CP*CP*CP*CP*TP*TP*TP*TP*AP*TP*AP*GP*CP*CP*CP*T)-3')"
6 polymer "DNA (5'-D(P*GP*GP*GP*CP*TP*AP*TP*AP*AP*AP*AP*GP*GP*GP*GP*GP*TP*GP*G)-3')"
#
loop_
_entity_poly.entity_id
_entity_poly.type
_entity_poly.pdbx_seq_one_letter_code
_entity_poly.pdbx_strand_id
1 'polypeptide(L)'
;(MSE)PKQESQKKKLTRFPISRLKRI(MSE)QLNEDIGKIGASVPVVASKAIE(MSE)FLTEIVGLTLKEARKKSSSR
(MSE)SSEFIIRATESDPKFAFLKN(MSE)EQFKNRE
;
A
2 'polypeptide(L)'
;GH(MSE)N(MSE)EKNDDENTLPKATVDK(MSE)VSS(MSE)LPKNSVVPKESKEIFQNACIYFLN(MSE)LTLEANKAC
EEEKKKTISYEHVYKALKNLGFESYVESC(MSE)KEHENYESYIKQKPSKIDKFKDSGLT(MSE)EELHSQQIKLFQNAK
LQFERSFEDDHYGDNDG
;
B
3 'polypeptide(L)'
;GH(MSE)NRLEKFFTTLNTAQSKVLKGYTTDELVSQIKEYVDFTPYILKQTYRLLCGQASEDRRNGARILRSL(MSE)FQ
FKLVTDFKIEYKESSSIYLSSTGEQFNVQAPSIQEQKR(MSE)VRKIAKLEHVEANFLSDIDFKAGSGEAIKRHKVDERP
IENVLDFFEQISDNLLSYEWYKRHGAFLAFAA(MSE)FSEIDNGGDIQIRVDSKLFSKIYEILVTDKFNDFVDDRTVAPV
RDAAAYLLSRIYPLIGPNDIIEQLVGFLDSGDWQVQFSGLIALGYLKEFVEDKDGLCRKLVSLLSSPDEDIKLLSAELLC
HFPITDSLDLVLEKCWKNIESEELISVSKTSNLSLLTKIYRENPELSIPPERLKDIFPCFTSPVPEVRTSILN(MSE)VK
NLSEESIDFLVAEVVLIEEKDEIRE(MSE)AIKLLKKRRDLPKNLILHF(MSE)NVIGGSLYEPYSEDDFVSYEDLYFTK
SGINVVGKDEILKNRCLLFECI(MSE)KSGLPDLQSTIETTTSRTFISLYRSVQALVKDTPYTPANIEELEYYFDRCKDL
K(MSE)APLKEFKKKLSAPGIRSIHP(MSE)VDPLYSDYTR(MSE)VASIEFPGLERATALFEVETCKQFLHLFSK
(MSE)ITEYYDAEKISIDNFLLKAYEGLASGKDGFLSFFEVFNTRLLAHSFFHKIGSLENRLDFFSKTIHIYTKTSQIQK
IGFVFDDALREKNITVINGF(MSE)RSLEFNEKFVRKALEDLDVELLDAVL(MSE)SGDHSFNPLFVKPLLRNISGNIDR
EASSKVLSKVIPTLGFSTNTKISKDLLE(MSE)IEREKKSLESL
;
C
4 'polypeptide(L)'
;GH(MSE)DAPDISYEHQETSVPNRSGIIPTLQNVVATVNLSCKLDLKNIALRARNAEYNPKRFAAVI(MSE)RIREPKTT
ALIFASGK(MSE)VITGAKSEKSSR(MSE)AAQRYAKIIHKLGFNATFDDFKIQNIVSSCDIKFSIRLEGLAYAHSNYCS
YEPELFPGLIYR(MSE)VKPKIVLLIFVSGKIVLTGAKVRDDIYQAFNNIYPVLIQHRKA
;
D
5 'polydeoxyribonucleotide'
;(DG)(DC)(DC)(DA)(DC)(DC)(DC)(DC)(DC)(DT)(DT)(DT)(DT)(DA)(DT)(DA)(DG)(DC)(DC)(DC)
(DT)(DA)(DC)(DT)
;
E
6 'polydeoxyribonucleotide'
;(DA)(DG)(DT)(DA)(DG)(DG)(DG)(DC)(DT)(DA)(DT)(DA)(DA)(DA)(DA)(DG)(DG)(DG)(DG)(DG)
(DT)(DG)(DG)(DC)
;
F
#
# COMPACT_ATOMS: atom_id res chain seq x y z
N PRO A 15 -3.04 5.80 -31.23
CA PRO A 15 -3.91 5.35 -30.14
C PRO A 15 -5.13 6.24 -29.93
N ILE A 16 -6.29 5.62 -29.61
CA ILE A 16 -7.57 6.30 -29.40
C ILE A 16 -7.66 6.98 -28.03
N SER A 17 -7.27 6.28 -26.94
CA SER A 17 -7.31 6.82 -25.57
C SER A 17 -6.28 7.93 -25.35
N ARG A 18 -5.21 7.97 -26.17
CA ARG A 18 -4.15 8.98 -26.10
C ARG A 18 -4.71 10.33 -26.56
N LEU A 19 -5.59 10.32 -27.58
CA LEU A 19 -6.24 11.52 -28.10
C LEU A 19 -7.33 11.99 -27.14
N LYS A 20 -8.00 11.04 -26.45
CA LYS A 20 -9.09 11.32 -25.49
C LYS A 20 -8.59 11.93 -24.17
N ARG A 21 -7.46 11.41 -23.62
CA ARG A 21 -6.87 11.88 -22.36
C ARG A 21 -6.34 13.31 -22.49
N ILE A 22 -5.80 13.66 -23.67
CA ILE A 22 -5.25 14.98 -23.94
C ILE A 22 -6.36 16.03 -24.09
N GLN A 24 -9.57 15.83 -22.90
CA GLN A 24 -10.31 15.95 -21.65
C GLN A 24 -9.49 16.61 -20.52
N LEU A 25 -8.15 16.73 -20.72
CA LEU A 25 -7.22 17.35 -19.75
C LEU A 25 -7.53 18.83 -19.55
N ASN A 26 -7.77 19.57 -20.66
CA ASN A 26 -8.10 20.99 -20.61
C ASN A 26 -9.52 21.19 -20.08
N GLU A 27 -9.70 22.11 -19.11
CA GLU A 27 -10.99 22.40 -18.50
C GLU A 27 -11.98 23.09 -19.44
N ASP A 28 -11.47 23.88 -20.42
CA ASP A 28 -12.28 24.61 -21.39
C ASP A 28 -13.05 23.70 -22.36
N ILE A 29 -12.44 22.55 -22.75
CA ILE A 29 -13.06 21.58 -23.67
C ILE A 29 -14.21 20.82 -23.00
N GLY A 30 -13.91 20.14 -21.88
CA GLY A 30 -14.88 19.39 -21.11
C GLY A 30 -15.32 18.08 -21.73
N LYS A 31 -16.52 18.06 -22.34
CA LYS A 31 -17.11 16.87 -22.94
C LYS A 31 -16.67 16.65 -24.40
N ILE A 32 -16.17 15.44 -24.70
CA ILE A 32 -15.73 15.04 -26.04
C ILE A 32 -16.24 13.62 -26.34
N GLY A 33 -16.99 13.50 -27.44
CA GLY A 33 -17.60 12.24 -27.87
C GLY A 33 -16.63 11.15 -28.27
N ALA A 34 -17.13 9.91 -28.32
CA ALA A 34 -16.36 8.72 -28.71
C ALA A 34 -16.13 8.69 -30.23
N SER A 35 -17.13 9.15 -31.01
CA SER A 35 -17.05 9.21 -32.46
C SER A 35 -16.11 10.34 -32.91
N VAL A 36 -16.05 11.44 -32.14
CA VAL A 36 -15.21 12.60 -32.43
C VAL A 36 -13.73 12.30 -32.16
N PRO A 37 -13.44 11.61 -31.04
CA PRO A 37 -12.05 11.27 -30.71
C PRO A 37 -11.45 10.25 -31.68
N VAL A 38 -12.26 9.28 -32.14
CA VAL A 38 -11.82 8.23 -33.05
C VAL A 38 -11.54 8.75 -34.46
N VAL A 39 -12.41 9.64 -34.97
CA VAL A 39 -12.28 10.22 -36.32
C VAL A 39 -11.06 11.13 -36.44
N ALA A 40 -10.76 11.89 -35.37
CA ALA A 40 -9.62 12.82 -35.33
C ALA A 40 -8.28 12.10 -35.20
N SER A 41 -8.27 10.94 -34.49
CA SER A 41 -7.08 10.12 -34.25
C SER A 41 -6.40 9.64 -35.54
N LYS A 42 -7.21 9.35 -36.57
CA LYS A 42 -6.70 8.89 -37.87
C LYS A 42 -6.47 10.06 -38.83
N ALA A 43 -7.29 11.13 -38.72
CA ALA A 43 -7.21 12.32 -39.58
C ALA A 43 -5.98 13.19 -39.28
N ILE A 44 -5.63 13.35 -37.98
CA ILE A 44 -4.48 14.15 -37.55
C ILE A 44 -3.15 13.47 -37.92
N GLU A 45 -3.06 12.15 -37.70
CA GLU A 45 -1.86 11.35 -38.00
C GLU A 45 -1.58 11.26 -39.51
N PHE A 47 -2.65 13.57 -41.87
CA PHE A 47 -2.33 14.91 -42.36
C PHE A 47 -0.91 15.33 -42.00
N LEU A 48 -0.41 14.86 -40.83
CA LEU A 48 0.94 15.16 -40.35
C LEU A 48 2.00 14.35 -41.10
N THR A 49 1.70 13.08 -41.43
CA THR A 49 2.62 12.19 -42.17
C THR A 49 2.75 12.59 -43.64
N GLU A 50 1.70 13.22 -44.21
CA GLU A 50 1.68 13.68 -45.60
C GLU A 50 2.41 15.02 -45.75
N ILE A 51 2.29 15.91 -44.74
CA ILE A 51 2.95 17.21 -44.73
C ILE A 51 4.46 17.06 -44.45
N VAL A 52 4.83 16.10 -43.59
CA VAL A 52 6.23 15.81 -43.25
C VAL A 52 6.92 15.07 -44.40
N GLY A 53 6.15 14.28 -45.16
CA GLY A 53 6.63 13.53 -46.31
C GLY A 53 7.00 14.43 -47.48
N LEU A 54 6.27 15.56 -47.63
CA LEU A 54 6.51 16.56 -48.68
C LEU A 54 7.78 17.37 -48.35
N THR A 55 8.08 17.55 -47.05
CA THR A 55 9.27 18.27 -46.57
C THR A 55 10.52 17.42 -46.80
N LEU A 56 10.37 16.08 -46.76
CA LEU A 56 11.45 15.12 -47.01
C LEU A 56 11.75 15.06 -48.51
N LYS A 57 10.72 15.30 -49.34
CA LYS A 57 10.83 15.30 -50.81
C LYS A 57 11.55 16.55 -51.30
N GLU A 58 11.43 17.67 -50.56
CA GLU A 58 12.07 18.94 -50.89
C GLU A 58 13.59 18.88 -50.67
N ALA A 59 14.04 18.12 -49.65
CA ALA A 59 15.46 17.95 -49.31
C ALA A 59 16.06 16.81 -50.12
N SER A 69 16.52 19.44 -41.23
CA SER A 69 16.08 20.40 -40.21
C SER A 69 15.69 21.74 -40.82
N GLU A 70 16.53 22.26 -41.74
CA GLU A 70 16.30 23.54 -42.42
C GLU A 70 15.20 23.43 -43.48
N PHE A 71 15.03 22.22 -44.08
CA PHE A 71 14.01 21.94 -45.11
C PHE A 71 12.60 21.95 -44.53
N ILE A 72 12.45 21.65 -43.22
CA ILE A 72 11.18 21.65 -42.50
C ILE A 72 10.65 23.08 -42.35
N ILE A 73 11.58 24.03 -42.11
CA ILE A 73 11.26 25.46 -41.98
C ILE A 73 10.92 26.06 -43.36
N ARG A 74 11.51 25.50 -44.44
CA ARG A 74 11.27 25.92 -45.81
C ARG A 74 9.88 25.50 -46.30
N ALA A 75 9.40 24.32 -45.82
CA ALA A 75 8.09 23.76 -46.16
C ALA A 75 6.95 24.57 -45.50
N THR A 76 7.23 25.18 -44.33
CA THR A 76 6.27 26.01 -43.60
C THR A 76 6.06 27.36 -44.30
N GLU A 77 7.07 27.85 -45.03
CA GLU A 77 7.01 29.10 -45.78
C GLU A 77 6.46 28.89 -47.20
N SER A 78 6.71 27.68 -47.77
CA SER A 78 6.24 27.31 -49.12
C SER A 78 4.72 27.17 -49.18
N ASP A 79 4.13 26.49 -48.18
CA ASP A 79 2.68 26.30 -48.10
C ASP A 79 2.05 27.40 -47.25
N PRO A 80 1.05 28.09 -47.84
CA PRO A 80 0.16 28.94 -47.03
C PRO A 80 -0.61 28.19 -45.94
N LYS A 81 -0.96 26.91 -46.19
CA LYS A 81 -1.69 26.07 -45.24
C LYS A 81 -0.83 25.66 -44.03
N PHE A 82 0.46 25.34 -44.29
CA PHE A 82 1.41 24.92 -43.25
C PHE A 82 2.07 26.12 -42.52
N ALA A 83 1.64 27.36 -42.84
CA ALA A 83 2.17 28.59 -42.22
C ALA A 83 1.68 28.75 -40.78
N PHE A 84 0.59 28.05 -40.40
CA PHE A 84 0.00 28.08 -39.05
C PHE A 84 0.96 27.45 -38.02
N LEU A 85 1.73 26.43 -38.45
CA LEU A 85 2.70 25.72 -37.62
C LEU A 85 4.07 26.45 -37.61
N LYS A 86 5.09 25.85 -36.94
CA LYS A 86 6.46 26.35 -36.80
C LYS A 86 6.54 27.73 -36.07
N ASN A 87 5.56 28.00 -35.20
CA ASN A 87 5.50 29.25 -34.42
C ASN A 87 6.47 29.25 -33.23
N GLU A 89 10.04 26.90 -31.30
CA GLU A 89 11.15 25.94 -31.38
C GLU A 89 11.50 25.51 -32.80
N LEU B 14 0.89 12.23 -26.45
CA LEU B 14 1.04 11.12 -27.39
C LEU B 14 2.38 10.41 -27.20
N PRO B 15 2.43 9.10 -27.53
CA PRO B 15 3.73 8.39 -27.58
C PRO B 15 4.57 8.81 -28.78
N LYS B 16 5.88 9.02 -28.56
CA LYS B 16 6.83 9.44 -29.60
C LYS B 16 7.16 8.33 -30.59
N ALA B 17 7.21 7.07 -30.11
CA ALA B 17 7.53 5.88 -30.93
C ALA B 17 6.51 5.65 -32.07
N THR B 18 5.23 6.02 -31.84
CA THR B 18 4.14 5.87 -32.82
C THR B 18 4.34 6.84 -34.00
N VAL B 19 4.85 8.05 -33.72
CA VAL B 19 5.12 9.06 -34.73
C VAL B 19 6.49 8.81 -35.38
N ASP B 20 7.44 8.26 -34.61
CA ASP B 20 8.81 7.95 -35.07
C ASP B 20 8.82 6.81 -36.09
N LYS B 21 8.00 5.76 -35.86
CA LYS B 21 7.90 4.59 -36.75
C LYS B 21 7.28 4.98 -38.09
N VAL B 23 7.26 8.11 -39.42
CA VAL B 23 8.18 9.04 -40.06
C VAL B 23 9.37 8.32 -40.72
N SER B 24 9.82 7.22 -40.10
CA SER B 24 10.94 6.41 -40.60
C SER B 24 10.54 5.59 -41.83
N SER B 25 9.28 5.10 -41.87
CA SER B 25 8.76 4.31 -42.98
C SER B 25 8.36 5.21 -44.14
N SER B 31 18.99 7.20 -46.26
CA SER B 31 19.02 8.43 -45.49
C SER B 31 18.40 8.24 -44.11
N VAL B 32 19.07 8.75 -43.06
CA VAL B 32 18.60 8.66 -41.68
C VAL B 32 18.15 10.01 -41.14
N VAL B 33 16.99 10.03 -40.46
CA VAL B 33 16.43 11.25 -39.87
C VAL B 33 17.19 11.65 -38.61
N PRO B 34 17.25 12.96 -38.31
CA PRO B 34 18.11 13.44 -37.22
C PRO B 34 17.48 13.23 -35.84
N LYS B 35 18.32 13.13 -34.80
CA LYS B 35 17.88 12.94 -33.41
C LYS B 35 17.17 14.19 -32.87
N GLU B 36 17.66 15.38 -33.24
CA GLU B 36 17.08 16.66 -32.83
C GLU B 36 15.76 16.90 -33.55
N SER B 37 15.67 16.48 -34.82
CA SER B 37 14.47 16.60 -35.65
C SER B 37 13.39 15.58 -35.23
N LYS B 38 13.81 14.44 -34.65
CA LYS B 38 12.92 13.38 -34.17
C LYS B 38 12.11 13.85 -32.96
N GLU B 39 12.71 14.72 -32.12
CA GLU B 39 12.07 15.29 -30.94
C GLU B 39 11.23 16.52 -31.34
N ILE B 40 11.62 17.19 -32.44
CA ILE B 40 10.93 18.37 -32.97
C ILE B 40 9.63 17.97 -33.69
N PHE B 41 9.67 16.88 -34.48
CA PHE B 41 8.51 16.36 -35.22
C PHE B 41 7.41 15.88 -34.26
N GLN B 42 7.82 15.27 -33.11
CA GLN B 42 6.91 14.80 -32.08
C GLN B 42 6.23 15.98 -31.39
N ASN B 43 7.00 17.09 -31.17
CA ASN B 43 6.52 18.33 -30.56
C ASN B 43 5.51 19.02 -31.50
N ALA B 44 5.74 18.88 -32.82
CA ALA B 44 4.86 19.43 -33.87
C ALA B 44 3.61 18.56 -34.00
N CYS B 45 3.74 17.23 -33.75
CA CYS B 45 2.64 16.27 -33.80
C CYS B 45 1.64 16.53 -32.66
N ILE B 46 2.15 16.79 -31.44
CA ILE B 46 1.34 17.08 -30.26
C ILE B 46 0.67 18.46 -30.38
N TYR B 47 1.32 19.41 -31.07
CA TYR B 47 0.82 20.76 -31.28
C TYR B 47 -0.34 20.78 -32.27
N PHE B 48 -0.30 19.89 -33.30
CA PHE B 48 -1.34 19.78 -34.32
C PHE B 48 -2.67 19.29 -33.73
N LEU B 49 -2.60 18.42 -32.71
CA LEU B 49 -3.76 17.84 -32.01
C LEU B 49 -4.47 18.90 -31.15
N ASN B 50 -3.68 19.77 -30.47
CA ASN B 50 -4.22 20.85 -29.62
C ASN B 50 -4.84 21.96 -30.46
N LEU B 52 -6.39 21.40 -33.58
CA LEU B 52 -7.62 20.86 -34.13
C LEU B 52 -8.72 20.77 -33.08
N THR B 53 -8.35 20.52 -31.81
CA THR B 53 -9.28 20.40 -30.68
C THR B 53 -9.81 21.76 -30.21
N LEU B 54 -8.96 22.81 -30.23
CA LEU B 54 -9.32 24.17 -29.81
C LEU B 54 -10.34 24.80 -30.77
N GLU B 55 -10.17 24.58 -32.09
CA GLU B 55 -11.07 25.09 -33.13
C GLU B 55 -12.41 24.34 -33.07
N ALA B 56 -12.37 23.03 -32.72
CA ALA B 56 -13.56 22.18 -32.57
C ALA B 56 -14.35 22.59 -31.33
N ASN B 57 -13.66 23.10 -30.29
CA ASN B 57 -14.29 23.57 -29.05
C ASN B 57 -15.13 24.82 -29.35
N LYS B 58 -14.68 25.64 -30.33
CA LYS B 58 -15.39 26.84 -30.77
C LYS B 58 -16.57 26.44 -31.67
N ALA B 59 -16.42 25.30 -32.39
CA ALA B 59 -17.46 24.76 -33.29
C ALA B 59 -18.63 24.19 -32.49
N CYS B 60 -18.34 23.55 -31.33
CA CYS B 60 -19.35 22.98 -30.45
C CYS B 60 -20.12 24.09 -29.73
N GLU B 61 -19.41 25.19 -29.39
CA GLU B 61 -19.99 26.35 -28.70
C GLU B 61 -20.87 27.18 -29.64
N GLU B 62 -20.52 27.21 -30.95
CA GLU B 62 -21.27 27.95 -31.98
C GLU B 62 -22.64 27.32 -32.24
N GLU B 63 -22.74 25.98 -32.07
CA GLU B 63 -23.99 25.23 -32.26
C GLU B 63 -24.74 25.02 -30.92
N LYS B 64 -24.24 25.67 -29.84
CA LYS B 64 -24.78 25.62 -28.46
C LYS B 64 -24.75 24.21 -27.82
N LYS B 65 -24.04 23.25 -28.45
CA LYS B 65 -23.92 21.88 -27.97
C LYS B 65 -22.77 21.73 -26.96
N LYS B 66 -23.08 21.20 -25.76
CA LYS B 66 -22.12 20.99 -24.67
C LYS B 66 -21.08 19.91 -24.99
N THR B 67 -21.50 18.81 -25.64
CA THR B 67 -20.61 17.71 -26.01
C THR B 67 -20.05 17.90 -27.42
N ILE B 68 -18.74 17.66 -27.59
CA ILE B 68 -18.07 17.80 -28.88
C ILE B 68 -18.48 16.68 -29.84
N SER B 69 -19.27 17.03 -30.87
CA SER B 69 -19.79 16.09 -31.86
C SER B 69 -18.79 15.84 -33.01
N TYR B 70 -18.89 14.66 -33.67
CA TYR B 70 -18.05 14.28 -34.80
C TYR B 70 -18.31 15.16 -36.02
N GLU B 71 -19.58 15.62 -36.18
CA GLU B 71 -20.00 16.50 -37.26
C GLU B 71 -19.46 17.92 -37.02
N HIS B 72 -19.32 18.32 -35.74
CA HIS B 72 -18.78 19.62 -35.34
C HIS B 72 -17.26 19.66 -35.57
N VAL B 73 -16.60 18.49 -35.40
CA VAL B 73 -15.15 18.34 -35.59
C VAL B 73 -14.79 18.39 -37.07
N TYR B 74 -15.69 17.87 -37.94
CA TYR B 74 -15.51 17.85 -39.39
C TYR B 74 -15.57 19.25 -40.00
N LYS B 75 -16.44 20.13 -39.43
CA LYS B 75 -16.59 21.52 -39.85
C LYS B 75 -15.37 22.36 -39.45
N ALA B 76 -14.69 21.95 -38.35
CA ALA B 76 -13.50 22.62 -37.83
C ALA B 76 -12.30 22.40 -38.75
N LEU B 77 -12.22 21.21 -39.38
CA LEU B 77 -11.15 20.84 -40.31
C LEU B 77 -11.24 21.63 -41.61
N LYS B 78 -12.48 21.91 -42.07
CA LYS B 78 -12.72 22.67 -43.30
C LYS B 78 -12.40 24.15 -43.13
N ASN B 79 -12.72 24.72 -41.94
CA ASN B 79 -12.48 26.13 -41.63
C ASN B 79 -10.99 26.44 -41.48
N LEU B 80 -10.20 25.44 -41.04
CA LEU B 80 -8.75 25.59 -40.85
C LEU B 80 -8.02 25.70 -42.20
N GLY B 81 -8.42 24.88 -43.17
CA GLY B 81 -7.83 24.87 -44.50
C GLY B 81 -7.32 23.51 -44.95
N PHE B 82 -8.06 22.44 -44.58
CA PHE B 82 -7.71 21.07 -44.95
C PHE B 82 -8.85 20.40 -45.73
N GLU B 83 -8.83 20.57 -47.07
CA GLU B 83 -9.84 20.01 -47.97
C GLU B 83 -9.61 18.52 -48.23
N SER B 84 -8.33 18.11 -48.39
CA SER B 84 -7.94 16.72 -48.64
C SER B 84 -8.15 15.84 -47.40
N TYR B 85 -7.90 16.41 -46.19
CA TYR B 85 -8.06 15.71 -44.92
C TYR B 85 -9.53 15.49 -44.56
N VAL B 86 -10.43 16.39 -45.04
CA VAL B 86 -11.88 16.33 -44.81
C VAL B 86 -12.52 15.15 -45.54
N GLU B 87 -11.99 14.80 -46.74
CA GLU B 87 -12.47 13.68 -47.56
C GLU B 87 -12.13 12.35 -46.89
N SER B 88 -10.94 12.25 -46.28
CA SER B 88 -10.48 11.05 -45.59
C SER B 88 -11.24 10.83 -44.29
N CYS B 89 -11.68 11.93 -43.64
CA CYS B 89 -12.44 11.91 -42.39
C CYS B 89 -13.85 11.38 -42.59
N LYS B 91 -14.83 9.33 -45.03
CA LYS B 91 -14.73 7.94 -45.47
C LYS B 91 -14.35 7.00 -44.32
N GLU B 92 -13.47 7.45 -43.40
CA GLU B 92 -13.03 6.67 -42.25
C GLU B 92 -14.13 6.53 -41.20
N HIS B 93 -15.00 7.56 -41.08
CA HIS B 93 -16.13 7.58 -40.14
C HIS B 93 -17.19 6.54 -40.52
N GLU B 94 -17.43 6.36 -41.84
CA GLU B 94 -18.38 5.39 -42.37
C GLU B 94 -17.86 3.97 -42.17
N ASN B 95 -16.54 3.77 -42.27
CA ASN B 95 -15.87 2.47 -42.06
C ASN B 95 -15.88 2.12 -40.57
N TYR B 96 -15.79 3.15 -39.69
CA TYR B 96 -15.82 2.99 -38.24
C TYR B 96 -17.25 2.71 -37.76
N GLU B 97 -18.26 3.29 -38.44
CA GLU B 97 -19.68 3.09 -38.12
C GLU B 97 -20.12 1.66 -38.46
N SER B 98 -19.56 1.09 -39.55
CA SER B 98 -19.86 -0.28 -39.99
C SER B 98 -19.19 -1.32 -39.07
N TYR B 99 -18.04 -0.95 -38.46
CA TYR B 99 -17.29 -1.81 -37.54
C TYR B 99 -17.94 -1.81 -36.14
N ILE B 100 -18.64 -0.71 -35.79
CA ILE B 100 -19.32 -0.56 -34.50
C ILE B 100 -20.70 -1.23 -34.50
N LYS B 101 -21.39 -1.21 -35.67
CA LYS B 101 -22.71 -1.81 -35.85
C LYS B 101 -22.65 -3.33 -35.93
N GLN B 102 -21.53 -3.89 -36.45
CA GLN B 102 -21.34 -5.33 -36.60
C GLN B 102 -20.89 -6.01 -35.29
N LYS B 103 -20.34 -5.22 -34.34
CA LYS B 103 -19.86 -5.71 -33.05
C LYS B 103 -21.01 -6.11 -32.12
N ASP B 112 -34.83 -14.11 -29.88
CA ASP B 112 -35.65 -14.71 -30.93
C ASP B 112 -36.03 -16.17 -30.58
N SER B 113 -35.88 -16.56 -29.30
CA SER B 113 -36.20 -17.91 -28.82
C SER B 113 -37.72 -18.16 -28.84
N GLY B 114 -38.49 -17.12 -28.56
CA GLY B 114 -39.95 -17.18 -28.54
C GLY B 114 -40.55 -17.40 -27.17
N LEU B 115 -39.85 -18.20 -26.33
CA LEU B 115 -40.29 -18.54 -24.97
C LEU B 115 -40.28 -17.33 -24.04
N THR B 116 -41.26 -17.24 -23.12
CA THR B 116 -41.36 -16.14 -22.15
C THR B 116 -40.29 -16.28 -21.05
N GLU B 118 -40.55 -16.98 -17.90
CA GLU B 118 -40.81 -18.16 -17.06
C GLU B 118 -40.59 -19.48 -17.83
N GLU B 119 -40.99 -19.51 -19.13
CA GLU B 119 -40.82 -20.70 -19.99
C GLU B 119 -39.36 -20.93 -20.38
N LEU B 120 -38.56 -19.85 -20.45
CA LEU B 120 -37.14 -19.93 -20.79
C LEU B 120 -36.35 -20.28 -19.52
N HIS B 121 -36.94 -19.99 -18.33
CA HIS B 121 -36.36 -20.31 -17.02
C HIS B 121 -36.40 -21.82 -16.79
N SER B 122 -37.49 -22.49 -17.24
CA SER B 122 -37.66 -23.93 -17.12
C SER B 122 -36.65 -24.69 -17.99
N GLN B 123 -36.29 -24.11 -19.16
CA GLN B 123 -35.32 -24.70 -20.08
C GLN B 123 -33.92 -24.65 -19.48
N GLN B 124 -33.55 -23.51 -18.86
CA GLN B 124 -32.25 -23.32 -18.23
C GLN B 124 -32.10 -24.13 -16.95
N ILE B 125 -33.17 -24.19 -16.11
CA ILE B 125 -33.15 -24.95 -14.85
C ILE B 125 -33.05 -26.48 -15.12
N LYS B 126 -33.54 -26.92 -16.30
CA LYS B 126 -33.46 -28.31 -16.73
C LYS B 126 -32.00 -28.58 -17.14
N LEU B 127 -31.35 -27.58 -17.78
CA LEU B 127 -29.96 -27.65 -18.21
C LEU B 127 -29.00 -27.67 -17.01
N PHE B 128 -29.41 -27.08 -15.86
CA PHE B 128 -28.62 -27.10 -14.62
C PHE B 128 -28.79 -28.46 -13.94
N GLN B 129 -30.01 -29.01 -13.94
CA GLN B 129 -30.35 -30.30 -13.33
C GLN B 129 -29.70 -31.45 -14.10
N ASN B 130 -29.79 -31.45 -15.46
CA ASN B 130 -29.20 -32.49 -16.32
C ASN B 130 -27.67 -32.55 -16.17
N ALA B 131 -27.01 -31.38 -16.05
CA ALA B 131 -25.56 -31.29 -15.90
C ALA B 131 -25.10 -31.80 -14.52
N LYS B 132 -25.94 -31.61 -13.47
CA LYS B 132 -25.67 -32.06 -12.10
C LYS B 132 -25.71 -33.60 -12.03
N LEU B 133 -26.63 -34.22 -12.78
CA LEU B 133 -26.79 -35.67 -12.85
C LEU B 133 -25.60 -36.35 -13.54
N GLN B 134 -25.06 -35.70 -14.60
CA GLN B 134 -23.87 -36.19 -15.33
C GLN B 134 -22.64 -36.03 -14.44
N PHE B 135 -22.60 -34.94 -13.63
CA PHE B 135 -21.53 -34.63 -12.70
C PHE B 135 -21.47 -35.68 -11.57
N GLU B 136 -22.64 -36.15 -11.10
CA GLU B 136 -22.75 -37.16 -10.05
C GLU B 136 -22.27 -38.52 -10.58
N ARG B 137 -22.60 -38.83 -11.85
CA ARG B 137 -22.20 -40.07 -12.52
C ARG B 137 -20.66 -40.16 -12.63
N SER B 138 -20.01 -39.01 -12.88
CA SER B 138 -18.55 -38.92 -12.98
C SER B 138 -17.92 -39.12 -11.59
N PHE B 139 -18.16 -38.17 -10.66
CA PHE B 139 -17.65 -38.21 -9.29
C PHE B 139 -18.66 -37.60 -8.31
N ASN C 4 25.69 24.02 -16.62
CA ASN C 4 25.11 22.86 -17.31
C ASN C 4 24.48 21.85 -16.34
N ARG C 5 25.04 21.73 -15.13
CA ARG C 5 24.53 20.83 -14.09
C ARG C 5 23.20 21.34 -13.50
N LEU C 6 23.01 22.68 -13.36
CA LEU C 6 21.76 23.29 -12.85
C LEU C 6 20.62 22.90 -13.78
N GLU C 7 20.87 22.96 -15.11
CA GLU C 7 19.91 22.62 -16.15
C GLU C 7 19.51 21.15 -16.00
N LYS C 8 20.51 20.26 -15.76
CA LYS C 8 20.31 18.83 -15.55
C LYS C 8 19.44 18.55 -14.30
N PHE C 9 19.47 19.46 -13.31
CA PHE C 9 18.71 19.31 -12.06
C PHE C 9 17.21 19.56 -12.23
N PHE C 10 16.81 20.82 -12.49
CA PHE C 10 15.39 21.24 -12.62
C PHE C 10 14.63 20.52 -13.74
N THR C 11 15.33 20.01 -14.77
CA THR C 11 14.70 19.24 -15.85
C THR C 11 14.20 17.92 -15.26
N THR C 12 15.05 17.24 -14.47
CA THR C 12 14.71 15.99 -13.78
C THR C 12 13.62 16.27 -12.73
N LEU C 13 13.74 17.39 -11.99
CA LEU C 13 12.76 17.81 -10.97
C LEU C 13 11.39 18.18 -11.54
N ASN C 14 11.26 18.21 -12.89
CA ASN C 14 10.00 18.53 -13.56
C ASN C 14 9.51 17.42 -14.48
N THR C 15 10.43 16.64 -15.08
CA THR C 15 10.07 15.56 -16.00
C THR C 15 9.96 14.17 -15.34
N ALA C 16 10.72 13.92 -14.24
CA ALA C 16 10.72 12.63 -13.54
C ALA C 16 9.33 12.23 -13.04
N GLN C 17 9.08 10.92 -12.97
CA GLN C 17 7.80 10.38 -12.51
C GLN C 17 7.92 9.82 -11.10
N SER C 18 9.15 9.49 -10.65
CA SER C 18 9.40 8.92 -9.32
C SER C 18 9.88 9.95 -8.29
N LYS C 19 9.34 9.84 -7.06
CA LYS C 19 9.66 10.69 -5.90
C LYS C 19 11.10 10.43 -5.44
N VAL C 20 11.54 9.15 -5.54
CA VAL C 20 12.88 8.70 -5.14
C VAL C 20 13.98 9.42 -5.94
N LEU C 21 13.82 9.48 -7.28
CA LEU C 21 14.78 10.16 -8.17
C LEU C 21 14.82 11.66 -7.88
N LYS C 22 13.63 12.30 -7.77
CA LYS C 22 13.51 13.73 -7.44
C LYS C 22 14.18 14.05 -6.10
N GLY C 23 14.04 13.13 -5.14
CA GLY C 23 14.63 13.25 -3.81
C GLY C 23 16.14 13.35 -3.82
N TYR C 24 16.82 12.47 -4.60
CA TYR C 24 18.27 12.49 -4.72
C TYR C 24 18.74 13.71 -5.52
N THR C 25 17.95 14.13 -6.53
CA THR C 25 18.25 15.29 -7.38
C THR C 25 18.23 16.56 -6.52
N THR C 26 17.19 16.70 -5.66
CA THR C 26 17.03 17.82 -4.73
C THR C 26 18.18 17.80 -3.71
N ASP C 27 18.55 16.60 -3.23
CA ASP C 27 19.62 16.41 -2.26
C ASP C 27 21.00 16.75 -2.83
N GLU C 28 21.22 16.48 -4.13
CA GLU C 28 22.49 16.80 -4.80
C GLU C 28 22.68 18.29 -4.97
N LEU C 29 21.58 19.02 -5.26
CA LEU C 29 21.58 20.47 -5.46
C LEU C 29 21.77 21.21 -4.14
N VAL C 30 21.06 20.79 -3.07
CA VAL C 30 21.14 21.42 -1.73
C VAL C 30 22.51 21.20 -1.06
N SER C 31 23.33 20.27 -1.60
CA SER C 31 24.66 19.97 -1.07
C SER C 31 25.73 20.83 -1.73
N GLN C 32 25.70 20.93 -3.07
CA GLN C 32 26.67 21.73 -3.81
C GLN C 32 26.14 23.15 -4.14
N ILE C 33 25.09 23.60 -3.42
CA ILE C 33 24.48 24.91 -3.59
C ILE C 33 25.50 26.04 -3.35
N LYS C 34 26.54 25.75 -2.55
CA LYS C 34 27.63 26.69 -2.23
C LYS C 34 28.45 27.02 -3.49
N GLU C 35 28.56 26.04 -4.41
CA GLU C 35 29.30 26.19 -5.66
C GLU C 35 28.49 26.93 -6.72
N TYR C 36 27.22 26.53 -6.90
CA TYR C 36 26.32 27.11 -7.90
C TYR C 36 25.68 28.45 -7.48
N VAL C 37 26.21 29.08 -6.40
CA VAL C 37 25.73 30.34 -5.83
C VAL C 37 25.70 31.50 -6.87
N ASP C 38 26.63 31.50 -7.85
CA ASP C 38 26.73 32.52 -8.91
C ASP C 38 25.42 32.68 -9.69
N PHE C 39 24.70 31.56 -9.92
CA PHE C 39 23.45 31.52 -10.67
C PHE C 39 22.21 31.53 -9.77
N THR C 40 22.28 32.21 -8.60
CA THR C 40 21.17 32.33 -7.65
C THR C 40 19.86 32.90 -8.28
N PRO C 41 19.87 33.87 -9.27
CA PRO C 41 18.59 34.30 -9.86
C PRO C 41 17.95 33.19 -10.68
N TYR C 42 18.77 32.38 -11.42
CA TYR C 42 18.28 31.26 -12.23
C TYR C 42 17.72 30.15 -11.34
N ILE C 43 18.40 29.86 -10.21
CA ILE C 43 17.95 28.84 -9.25
C ILE C 43 16.58 29.23 -8.72
N LEU C 44 16.44 30.47 -8.20
CA LEU C 44 15.17 31.00 -7.68
C LEU C 44 14.08 31.03 -8.76
N LYS C 45 14.49 31.27 -10.03
CA LYS C 45 13.59 31.32 -11.19
C LYS C 45 12.92 29.96 -11.38
N GLN C 46 13.73 28.89 -11.46
CA GLN C 46 13.23 27.52 -11.65
C GLN C 46 12.62 26.93 -10.38
N THR C 47 13.06 27.41 -9.19
CA THR C 47 12.54 26.96 -7.89
C THR C 47 11.11 27.45 -7.67
N TYR C 48 10.76 28.66 -8.19
CA TYR C 48 9.41 29.21 -8.06
C TYR C 48 8.35 28.26 -8.63
N ARG C 49 8.65 27.59 -9.77
CA ARG C 49 7.74 26.62 -10.40
C ARG C 49 7.51 25.43 -9.47
N LEU C 50 8.57 24.98 -8.75
CA LEU C 50 8.48 23.88 -7.80
C LEU C 50 7.55 24.27 -6.64
N LEU C 51 7.62 25.54 -6.19
CA LEU C 51 6.76 26.06 -5.13
C LEU C 51 5.31 26.20 -5.59
N CYS C 52 5.10 26.52 -6.87
CA CYS C 52 3.75 26.72 -7.41
C CYS C 52 3.20 25.50 -8.17
N GLY C 53 3.90 24.37 -8.04
CA GLY C 53 3.49 23.12 -8.68
C GLY C 53 2.27 22.53 -8.01
N GLN C 54 1.36 21.96 -8.83
CA GLN C 54 0.13 21.33 -8.34
C GLN C 54 0.44 20.02 -7.60
N ALA C 55 1.66 19.47 -7.82
CA ALA C 55 2.13 18.25 -7.17
C ALA C 55 2.64 18.59 -5.77
N SER C 56 2.03 18.00 -4.73
CA SER C 56 2.36 18.23 -3.32
C SER C 56 3.82 17.93 -2.97
N GLU C 57 4.44 17.01 -3.72
CA GLU C 57 5.83 16.61 -3.52
C GLU C 57 6.79 17.74 -3.90
N ASP C 58 6.64 18.29 -5.12
CA ASP C 58 7.48 19.36 -5.68
C ASP C 58 7.55 20.63 -4.83
N ARG C 59 6.51 20.88 -4.00
CA ARG C 59 6.44 22.06 -3.13
C ARG C 59 7.44 21.98 -1.97
N ARG C 60 7.59 20.78 -1.35
CA ARG C 60 8.52 20.57 -0.25
C ARG C 60 9.97 20.50 -0.74
N ASN C 61 10.18 20.02 -1.99
CA ASN C 61 11.50 19.96 -2.62
C ASN C 61 11.94 21.36 -3.00
N GLY C 62 10.98 22.17 -3.47
CA GLY C 62 11.21 23.55 -3.85
C GLY C 62 11.60 24.41 -2.67
N ALA C 63 10.89 24.24 -1.55
CA ALA C 63 11.15 24.97 -0.31
C ALA C 63 12.53 24.59 0.29
N ARG C 64 12.97 23.32 0.06
CA ARG C 64 14.23 22.76 0.54
C ARG C 64 15.44 23.43 -0.12
N ILE C 65 15.34 23.80 -1.42
CA ILE C 65 16.41 24.47 -2.16
C ILE C 65 16.51 25.93 -1.68
N LEU C 66 15.37 26.54 -1.26
CA LEU C 66 15.33 27.92 -0.79
C LEU C 66 16.08 28.10 0.52
N ARG C 67 15.85 27.20 1.53
CA ARG C 67 16.56 27.28 2.81
C ARG C 67 18.07 27.01 2.63
N SER C 68 18.43 26.35 1.52
CA SER C 68 19.81 26.04 1.16
C SER C 68 20.47 27.26 0.50
N LEU C 69 19.66 28.29 0.19
CA LEU C 69 20.12 29.56 -0.38
C LEU C 69 20.10 30.65 0.67
N PHE C 71 21.69 31.01 3.28
CA PHE C 71 23.03 31.26 3.83
C PHE C 71 23.56 32.59 3.28
N GLN C 72 23.04 33.00 2.11
CA GLN C 72 23.42 34.19 1.38
C GLN C 72 22.65 35.44 1.85
N PHE C 73 21.34 35.28 2.10
CA PHE C 73 20.42 36.38 2.47
C PHE C 73 20.28 36.67 3.97
N LYS C 74 19.89 37.93 4.28
CA LYS C 74 19.64 38.48 5.62
C LYS C 74 18.21 39.06 5.63
N LEU C 75 17.35 38.58 6.54
CA LEU C 75 15.94 39.02 6.64
C LEU C 75 15.73 40.23 7.59
N VAL C 76 14.46 40.71 7.72
CA VAL C 76 14.14 41.88 8.58
C VAL C 76 13.31 41.49 9.82
N THR C 77 13.49 42.24 10.92
CA THR C 77 12.82 42.02 12.21
C THR C 77 11.54 42.87 12.39
N ASP C 78 11.06 43.57 11.33
CA ASP C 78 9.84 44.37 11.42
C ASP C 78 8.59 43.52 11.21
N PHE C 79 7.85 43.25 12.30
CA PHE C 79 6.63 42.44 12.29
C PHE C 79 5.45 43.28 12.76
N LYS C 80 4.35 43.28 11.98
CA LYS C 80 3.13 44.02 12.32
C LYS C 80 2.05 43.04 12.78
N ILE C 81 1.84 42.97 14.11
CA ILE C 81 0.85 42.07 14.73
C ILE C 81 -0.50 42.78 14.78
N GLU C 82 -1.39 42.45 13.83
CA GLU C 82 -2.71 43.05 13.75
C GLU C 82 -3.80 42.00 13.50
N TYR C 83 -4.87 42.04 14.30
CA TYR C 83 -5.99 41.11 14.18
C TYR C 83 -7.16 41.79 13.47
N LYS C 84 -7.37 41.47 12.18
CA LYS C 84 -8.47 42.04 11.40
C LYS C 84 -9.34 40.91 10.85
N GLU C 85 -10.67 41.05 11.00
CA GLU C 85 -11.63 40.05 10.56
C GLU C 85 -12.34 40.45 9.26
N SER C 86 -12.13 39.64 8.20
CA SER C 86 -12.71 39.83 6.88
C SER C 86 -13.58 38.64 6.50
N SER C 87 -14.72 38.90 5.82
CA SER C 87 -15.67 37.85 5.42
C SER C 87 -15.25 37.02 4.18
N SER C 88 -14.12 37.39 3.54
CA SER C 88 -13.61 36.69 2.36
C SER C 88 -13.02 35.33 2.76
N ILE C 89 -13.59 34.23 2.23
CA ILE C 89 -13.15 32.86 2.52
C ILE C 89 -12.22 32.32 1.43
N TYR C 90 -11.09 31.72 1.86
CA TYR C 90 -10.07 31.15 0.97
C TYR C 90 -10.30 29.66 0.74
N LEU C 91 -10.41 29.25 -0.53
CA LEU C 91 -10.68 27.86 -0.89
C LEU C 91 -9.66 27.32 -1.92
N SER C 92 -9.99 26.18 -2.56
CA SER C 92 -9.11 25.54 -3.56
C SER C 92 -8.92 26.33 -4.86
N SER C 93 -9.96 27.05 -5.31
CA SER C 93 -9.91 27.82 -6.55
C SER C 93 -10.78 29.10 -6.51
N THR C 94 -10.73 29.89 -7.60
CA THR C 94 -11.51 31.12 -7.77
C THR C 94 -13.03 30.81 -7.79
N GLY C 95 -13.38 29.61 -8.24
CA GLY C 95 -14.76 29.16 -8.34
C GLY C 95 -15.35 29.48 -9.69
N GLU C 96 -14.51 30.01 -10.60
CA GLU C 96 -14.88 30.38 -11.98
C GLU C 96 -14.77 29.18 -12.93
N GLN C 97 -13.95 28.16 -12.55
CA GLN C 97 -13.74 26.93 -13.32
C GLN C 97 -15.05 26.17 -13.54
N PHE C 98 -15.93 26.23 -12.53
CA PHE C 98 -17.25 25.58 -12.56
C PHE C 98 -18.33 26.65 -12.44
N ASN C 99 -19.48 26.45 -13.14
CA ASN C 99 -20.63 27.37 -13.15
C ASN C 99 -20.25 28.78 -13.62
N ASP C 145 -1.95 36.30 -12.03
CA ASP C 145 -1.18 37.46 -12.48
C ASP C 145 0.31 37.38 -12.04
N GLU C 146 0.92 36.19 -12.24
CA GLU C 146 2.33 35.92 -11.89
C GLU C 146 3.29 36.76 -12.73
N ARG C 147 4.23 37.44 -12.06
CA ARG C 147 5.22 38.30 -12.72
C ARG C 147 6.39 37.47 -13.30
N PRO C 148 7.08 37.94 -14.36
CA PRO C 148 8.22 37.18 -14.89
C PRO C 148 9.41 37.33 -13.94
N ILE C 149 9.68 36.27 -13.16
CA ILE C 149 10.75 36.26 -12.17
C ILE C 149 12.11 36.09 -12.84
N GLU C 150 12.86 37.20 -12.92
CA GLU C 150 14.21 37.23 -13.50
C GLU C 150 15.16 37.92 -12.55
N ASN C 151 14.67 38.93 -11.81
CA ASN C 151 15.45 39.65 -10.81
C ASN C 151 15.42 38.85 -9.51
N VAL C 152 16.47 38.99 -8.67
CA VAL C 152 16.56 38.26 -7.40
C VAL C 152 15.46 38.71 -6.41
N LEU C 153 15.08 40.01 -6.45
CA LEU C 153 14.05 40.58 -5.60
C LEU C 153 12.62 40.26 -6.09
N ASP C 154 12.48 39.78 -7.35
CA ASP C 154 11.19 39.40 -7.92
C ASP C 154 10.61 38.19 -7.19
N PHE C 155 11.48 37.24 -6.79
CA PHE C 155 11.08 36.02 -6.11
C PHE C 155 10.39 36.28 -4.78
N PHE C 156 11.03 37.06 -3.90
CA PHE C 156 10.49 37.35 -2.56
C PHE C 156 9.29 38.29 -2.58
N GLU C 157 9.08 39.00 -3.69
CA GLU C 157 7.94 39.90 -3.84
C GLU C 157 6.71 39.17 -4.35
N GLN C 158 6.92 38.05 -5.06
CA GLN C 158 5.82 37.23 -5.60
C GLN C 158 5.35 36.18 -4.59
N ILE C 159 6.29 35.51 -3.87
CA ILE C 159 5.95 34.50 -2.87
C ILE C 159 5.15 35.10 -1.70
N SER C 160 5.33 36.41 -1.44
CA SER C 160 4.61 37.09 -0.38
C SER C 160 3.15 37.31 -0.83
N ASP C 161 2.96 37.60 -2.13
CA ASP C 161 1.64 37.82 -2.73
C ASP C 161 0.88 36.49 -2.83
N ASN C 162 1.62 35.38 -3.03
CA ASN C 162 1.06 34.03 -3.14
C ASN C 162 0.48 33.48 -1.83
N LEU C 163 0.80 34.10 -0.68
CA LEU C 163 0.30 33.68 0.64
C LEU C 163 -1.21 33.82 0.74
N LEU C 164 -1.81 34.66 -0.12
CA LEU C 164 -3.26 34.89 -0.15
C LEU C 164 -3.83 34.75 -1.58
N SER C 165 -3.31 33.76 -2.35
CA SER C 165 -3.77 33.50 -3.72
C SER C 165 -5.03 32.62 -3.72
N TYR C 166 -5.87 32.76 -4.77
CA TYR C 166 -7.13 32.01 -4.90
C TYR C 166 -6.95 30.48 -4.98
N GLU C 167 -5.78 30.02 -5.45
CA GLU C 167 -5.45 28.60 -5.57
C GLU C 167 -4.76 28.12 -4.29
N TRP C 168 -5.27 27.02 -3.69
CA TRP C 168 -4.73 26.46 -2.44
C TRP C 168 -3.27 26.00 -2.55
N TYR C 169 -2.89 25.40 -3.69
CA TYR C 169 -1.53 24.88 -3.90
C TYR C 169 -0.49 26.00 -4.03
N LYS C 170 -0.94 27.20 -4.45
CA LYS C 170 -0.06 28.37 -4.57
C LYS C 170 0.22 28.91 -3.17
N ARG C 171 -0.81 28.89 -2.28
CA ARG C 171 -0.71 29.36 -0.90
C ARG C 171 0.11 28.40 -0.03
N HIS C 172 -0.21 27.08 -0.09
CA HIS C 172 0.49 26.04 0.65
C HIS C 172 1.97 26.01 0.28
N GLY C 173 2.27 26.36 -0.97
CA GLY C 173 3.62 26.45 -1.48
C GLY C 173 4.36 27.64 -0.92
N ALA C 174 3.67 28.80 -0.86
CA ALA C 174 4.22 30.05 -0.33
C ALA C 174 4.51 29.99 1.18
N PHE C 175 3.63 29.32 1.95
CA PHE C 175 3.82 29.15 3.40
C PHE C 175 4.94 28.15 3.70
N LEU C 176 5.17 27.20 2.78
CA LEU C 176 6.26 26.23 2.90
C LEU C 176 7.58 26.92 2.61
N ALA C 177 7.57 27.93 1.71
CA ALA C 177 8.74 28.71 1.34
C ALA C 177 9.16 29.60 2.50
N PHE C 178 8.18 30.25 3.16
CA PHE C 178 8.42 31.14 4.29
C PHE C 178 8.92 30.40 5.53
N ALA C 179 8.38 29.20 5.79
CA ALA C 179 8.79 28.39 6.94
C ALA C 179 10.27 27.99 6.83
N ALA C 180 10.75 27.78 5.59
CA ALA C 180 12.14 27.41 5.29
C ALA C 180 13.09 28.60 5.44
N PHE C 182 12.87 31.13 7.63
CA PHE C 182 13.10 31.36 9.05
C PHE C 182 13.74 30.15 9.76
N SER C 183 13.97 29.04 9.03
CA SER C 183 14.62 27.86 9.59
C SER C 183 16.13 28.05 9.65
N GLU C 184 16.70 28.80 8.68
CA GLU C 184 18.13 29.10 8.59
C GLU C 184 18.39 30.61 8.71
N ILE C 185 17.58 31.32 9.53
CA ILE C 185 17.70 32.77 9.73
C ILE C 185 18.97 33.10 10.56
N ASP C 186 19.36 32.18 11.48
CA ASP C 186 20.55 32.33 12.34
C ASP C 186 21.80 32.39 11.47
N ASN C 187 21.88 31.51 10.44
CA ASN C 187 22.99 31.44 9.50
C ASN C 187 22.69 32.40 8.33
N GLY C 188 22.82 33.70 8.59
CA GLY C 188 22.55 34.75 7.61
C GLY C 188 23.75 35.16 6.77
N GLY C 189 23.54 36.20 5.97
CA GLY C 189 24.57 36.74 5.08
C GLY C 189 24.62 38.26 5.03
N ASP C 190 25.09 38.81 3.90
CA ASP C 190 25.22 40.26 3.72
C ASP C 190 24.07 40.86 2.91
N ILE C 191 23.67 40.21 1.78
CA ILE C 191 22.58 40.69 0.93
C ILE C 191 21.26 40.69 1.73
N GLN C 192 20.57 41.85 1.75
CA GLN C 192 19.34 42.04 2.52
C GLN C 192 18.05 41.84 1.72
N ILE C 193 17.03 41.25 2.38
CA ILE C 193 15.69 41.03 1.82
C ILE C 193 14.63 41.43 2.85
N ARG C 194 13.79 42.42 2.53
CA ARG C 194 12.76 42.89 3.45
C ARG C 194 11.45 42.12 3.28
N VAL C 195 11.17 41.20 4.23
CA VAL C 195 9.94 40.41 4.23
C VAL C 195 8.76 41.26 4.68
N ASP C 196 7.57 40.99 4.12
CA ASP C 196 6.35 41.74 4.43
C ASP C 196 6.09 41.78 5.92
N SER C 197 5.95 42.99 6.47
CA SER C 197 5.66 43.20 7.90
C SER C 197 4.22 42.75 8.18
N LYS C 198 3.40 42.69 7.12
CA LYS C 198 1.99 42.27 7.17
C LYS C 198 1.87 40.73 7.20
N LEU C 199 2.99 40.01 7.38
CA LEU C 199 3.00 38.54 7.42
C LEU C 199 2.09 37.96 8.49
N PHE C 200 2.03 38.57 9.70
CA PHE C 200 1.16 38.06 10.76
C PHE C 200 -0.31 38.11 10.36
N SER C 201 -0.78 39.31 9.92
CA SER C 201 -2.17 39.51 9.49
C SER C 201 -2.54 38.56 8.36
N LYS C 202 -1.55 38.14 7.54
CA LYS C 202 -1.75 37.18 6.45
C LYS C 202 -2.00 35.79 7.03
N ILE C 203 -1.20 35.39 8.05
CA ILE C 203 -1.32 34.09 8.73
C ILE C 203 -2.65 34.03 9.51
N TYR C 204 -2.92 35.09 10.31
CA TYR C 204 -4.13 35.23 11.12
C TYR C 204 -5.37 35.14 10.23
N GLU C 205 -5.34 35.79 9.05
CA GLU C 205 -6.45 35.76 8.11
C GLU C 205 -6.64 34.34 7.56
N ILE C 206 -5.55 33.71 7.09
CA ILE C 206 -5.58 32.33 6.56
C ILE C 206 -6.21 31.35 7.58
N LEU C 207 -5.82 31.43 8.86
CA LEU C 207 -6.34 30.55 9.90
C LEU C 207 -7.84 30.71 10.16
N VAL C 208 -8.34 31.96 10.16
CA VAL C 208 -9.75 32.22 10.47
C VAL C 208 -10.68 32.25 9.20
N THR C 209 -10.13 32.53 7.99
CA THR C 209 -10.93 32.63 6.75
C THR C 209 -10.88 31.39 5.86
N ASP C 210 -9.70 30.76 5.69
CA ASP C 210 -9.56 29.58 4.84
C ASP C 210 -10.47 28.44 5.31
N LYS C 211 -11.29 27.90 4.39
CA LYS C 211 -12.24 26.83 4.67
C LYS C 211 -11.96 25.60 3.78
N PHE C 212 -10.66 25.30 3.55
CA PHE C 212 -10.22 24.17 2.72
C PHE C 212 -9.66 23.03 3.56
N ASN C 213 -10.26 21.82 3.43
CA ASN C 213 -9.87 20.63 4.18
C ASN C 213 -9.55 19.46 3.26
N ASP C 214 -8.86 18.43 3.80
CA ASP C 214 -8.52 17.21 3.07
C ASP C 214 -9.07 16.01 3.83
N PHE C 215 -10.07 15.35 3.25
CA PHE C 215 -10.73 14.20 3.86
C PHE C 215 -10.22 12.89 3.23
N VAL C 216 -8.94 12.88 2.77
CA VAL C 216 -8.32 11.72 2.11
C VAL C 216 -8.35 10.46 3.00
N ASP C 217 -8.15 10.64 4.32
CA ASP C 217 -8.18 9.56 5.29
C ASP C 217 -9.12 9.92 6.45
N ASP C 218 -9.43 8.95 7.36
CA ASP C 218 -10.32 9.16 8.51
C ASP C 218 -9.91 10.38 9.36
N ARG C 219 -8.60 10.67 9.48
CA ARG C 219 -8.09 11.86 10.17
C ARG C 219 -8.03 12.97 9.12
N THR C 220 -8.83 14.02 9.30
CA THR C 220 -8.87 15.12 8.32
C THR C 220 -7.89 16.22 8.70
N VAL C 221 -7.30 16.88 7.68
CA VAL C 221 -6.31 17.94 7.88
C VAL C 221 -6.48 19.09 6.87
N ALA C 222 -6.18 20.32 7.30
CA ALA C 222 -6.23 21.52 6.45
C ALA C 222 -4.80 21.73 5.94
N PRO C 223 -4.53 21.49 4.63
CA PRO C 223 -3.13 21.59 4.15
C PRO C 223 -2.48 22.96 4.27
N VAL C 224 -3.12 23.99 3.71
CA VAL C 224 -2.60 25.37 3.72
C VAL C 224 -2.61 25.99 5.14
N ARG C 225 -3.67 25.71 5.94
CA ARG C 225 -3.79 26.22 7.30
C ARG C 225 -2.76 25.61 8.24
N ASP C 226 -2.34 24.37 7.95
CA ASP C 226 -1.32 23.67 8.75
C ASP C 226 0.06 24.29 8.49
N ALA C 227 0.35 24.61 7.21
CA ALA C 227 1.61 25.24 6.78
C ALA C 227 1.71 26.66 7.30
N ALA C 228 0.56 27.32 7.49
CA ALA C 228 0.45 28.69 8.01
C ALA C 228 0.63 28.67 9.53
N ALA C 229 0.01 27.67 10.21
CA ALA C 229 0.11 27.48 11.66
C ALA C 229 1.54 27.14 12.06
N TYR C 230 2.23 26.33 11.23
CA TYR C 230 3.61 25.96 11.46
C TYR C 230 4.55 27.15 11.26
N LEU C 231 4.27 28.03 10.27
CA LEU C 231 5.07 29.23 10.02
C LEU C 231 4.94 30.16 11.22
N LEU C 232 3.70 30.30 11.76
CA LEU C 232 3.37 31.14 12.93
C LEU C 232 4.19 30.70 14.14
N SER C 233 4.48 29.40 14.25
CA SER C 233 5.29 28.80 15.32
C SER C 233 6.76 29.14 15.13
N ARG C 234 7.23 29.10 13.87
CA ARG C 234 8.63 29.37 13.52
C ARG C 234 9.01 30.87 13.61
N ILE C 235 8.01 31.77 13.57
CA ILE C 235 8.28 33.22 13.68
C ILE C 235 7.87 33.79 15.06
N TYR C 236 7.43 32.93 16.01
CA TYR C 236 7.04 33.38 17.34
C TYR C 236 8.22 33.95 18.17
N PRO C 237 9.42 33.30 18.20
CA PRO C 237 10.54 33.88 18.99
C PRO C 237 10.99 35.25 18.47
N LEU C 238 10.87 35.49 17.15
CA LEU C 238 11.23 36.76 16.51
C LEU C 238 10.32 37.91 16.95
N ILE C 239 9.03 37.59 17.23
CA ILE C 239 8.04 38.56 17.70
C ILE C 239 8.24 38.77 19.21
N GLY C 240 8.20 40.03 19.64
CA GLY C 240 8.37 40.39 21.04
C GLY C 240 7.13 40.13 21.87
N PRO C 241 6.80 41.01 22.84
CA PRO C 241 5.58 40.79 23.66
C PRO C 241 4.33 40.80 22.80
N ASN C 242 3.50 39.76 22.92
CA ASN C 242 2.30 39.63 22.08
C ASN C 242 1.10 39.00 22.80
N ASP C 243 -0.07 39.03 22.13
CA ASP C 243 -1.33 38.46 22.63
C ASP C 243 -1.70 37.22 21.80
N ILE C 244 -0.82 36.86 20.81
CA ILE C 244 -1.00 35.73 19.87
C ILE C 244 -1.39 34.43 20.58
N ILE C 245 -0.58 34.02 21.58
CA ILE C 245 -0.78 32.80 22.33
C ILE C 245 -2.17 32.75 23.03
N GLU C 246 -2.65 33.91 23.53
CA GLU C 246 -3.96 34.01 24.19
C GLU C 246 -5.09 34.06 23.16
N GLN C 247 -4.88 34.83 22.06
CA GLN C 247 -5.86 35.00 20.97
C GLN C 247 -6.27 33.66 20.37
N LEU C 248 -5.30 32.76 20.16
CA LEU C 248 -5.53 31.42 19.60
C LEU C 248 -6.43 30.57 20.49
N VAL C 249 -6.47 30.88 21.81
CA VAL C 249 -7.33 30.16 22.76
C VAL C 249 -8.80 30.60 22.52
N GLY C 250 -8.97 31.80 21.97
CA GLY C 250 -10.28 32.36 21.63
C GLY C 250 -10.91 31.68 20.43
N PHE C 251 -10.09 31.03 19.59
CA PHE C 251 -10.52 30.29 18.39
C PHE C 251 -11.25 29.01 18.79
N LEU C 252 -10.87 28.43 19.94
CA LEU C 252 -11.44 27.19 20.47
C LEU C 252 -12.91 27.36 20.88
N ASP C 253 -13.36 28.62 21.07
CA ASP C 253 -14.73 28.93 21.46
C ASP C 253 -15.59 29.41 20.27
N SER C 254 -14.99 29.46 19.05
CA SER C 254 -15.69 29.89 17.84
C SER C 254 -16.72 28.84 17.40
N GLY C 255 -17.90 29.30 16.99
CA GLY C 255 -19.02 28.47 16.56
C GLY C 255 -18.69 27.46 15.48
N ASP C 256 -17.91 27.89 14.47
CA ASP C 256 -17.50 27.02 13.35
C ASP C 256 -16.37 26.10 13.80
N TRP C 257 -16.41 24.82 13.38
CA TRP C 257 -15.40 23.83 13.73
C TRP C 257 -14.06 24.10 13.03
N GLN C 258 -14.10 24.69 11.82
CA GLN C 258 -12.90 24.99 11.02
C GLN C 258 -12.02 26.07 11.67
N VAL C 259 -12.62 26.96 12.49
CA VAL C 259 -11.89 28.00 13.20
C VAL C 259 -11.21 27.36 14.43
N GLN C 260 -11.94 26.44 15.11
CA GLN C 260 -11.46 25.69 16.28
C GLN C 260 -10.31 24.77 15.86
N PHE C 261 -10.44 24.15 14.65
CA PHE C 261 -9.44 23.27 14.06
C PHE C 261 -8.13 24.03 13.89
N SER C 262 -8.22 25.30 13.41
CA SER C 262 -7.07 26.19 13.22
C SER C 262 -6.46 26.59 14.56
N GLY C 263 -7.31 26.71 15.58
CA GLY C 263 -6.90 27.04 16.94
C GLY C 263 -6.12 25.92 17.57
N LEU C 264 -6.66 24.68 17.50
CA LEU C 264 -6.03 23.48 18.06
C LEU C 264 -4.68 23.15 17.42
N ILE C 265 -4.60 23.22 16.06
CA ILE C 265 -3.35 22.90 15.33
C ILE C 265 -2.23 23.90 15.60
N ALA C 266 -2.58 25.21 15.79
CA ALA C 266 -1.59 26.26 16.07
C ALA C 266 -0.97 26.01 17.45
N LEU C 267 -1.82 25.71 18.45
CA LEU C 267 -1.39 25.39 19.82
C LEU C 267 -0.62 24.07 19.83
N GLY C 268 -0.86 23.24 18.82
CA GLY C 268 -0.18 21.96 18.61
C GLY C 268 1.22 22.15 18.06
N TYR C 269 1.67 23.42 17.93
CA TYR C 269 2.99 23.80 17.46
C TYR C 269 3.66 24.76 18.47
N LEU C 270 2.84 25.59 19.15
CA LEU C 270 3.30 26.56 20.15
C LEU C 270 3.11 26.02 21.59
N LYS C 271 3.03 24.68 21.75
CA LYS C 271 2.80 23.99 23.04
C LYS C 271 3.88 24.28 24.11
N GLU C 272 5.04 24.83 23.72
CA GLU C 272 6.11 25.17 24.67
C GLU C 272 6.10 26.67 25.02
N PHE C 273 5.52 27.51 24.15
CA PHE C 273 5.46 28.96 24.34
C PHE C 273 4.30 29.40 25.24
N VAL C 274 3.39 28.48 25.60
CA VAL C 274 2.25 28.77 26.46
C VAL C 274 2.67 28.85 27.93
N GLU C 275 2.37 29.99 28.60
CA GLU C 275 2.69 30.19 30.01
C GLU C 275 1.44 30.03 30.88
N ASP C 276 0.23 30.24 30.29
CA ASP C 276 -1.04 30.09 30.99
C ASP C 276 -1.60 28.69 30.71
N LYS C 277 -0.92 27.67 31.27
CA LYS C 277 -1.27 26.26 31.12
C LYS C 277 -2.59 25.93 31.81
N ASP C 278 -2.87 26.57 32.96
CA ASP C 278 -4.09 26.37 33.74
C ASP C 278 -5.35 26.85 33.00
N GLY C 279 -5.22 27.95 32.26
CA GLY C 279 -6.30 28.54 31.48
C GLY C 279 -6.62 27.78 30.20
N LEU C 280 -5.57 27.27 29.52
CA LEU C 280 -5.70 26.50 28.27
C LEU C 280 -6.34 25.13 28.51
N CYS C 281 -5.93 24.43 29.59
CA CYS C 281 -6.45 23.12 29.94
C CYS C 281 -7.93 23.16 30.30
N ARG C 282 -8.38 24.26 30.97
CA ARG C 282 -9.80 24.47 31.34
C ARG C 282 -10.71 24.34 30.12
N LYS C 283 -10.31 24.95 28.98
CA LYS C 283 -11.07 24.89 27.74
C LYS C 283 -10.87 23.55 27.05
N LEU C 284 -9.65 22.97 27.14
CA LEU C 284 -9.31 21.67 26.55
C LEU C 284 -10.18 20.51 27.04
N VAL C 285 -10.57 20.55 28.33
CA VAL C 285 -11.44 19.53 28.92
C VAL C 285 -12.86 19.72 28.35
N SER C 286 -13.32 20.99 28.26
CA SER C 286 -14.64 21.34 27.72
C SER C 286 -14.74 21.05 26.21
N LEU C 287 -13.59 21.12 25.49
CA LEU C 287 -13.50 20.85 24.05
C LEU C 287 -13.79 19.40 23.70
N LEU C 288 -13.69 18.50 24.70
CA LEU C 288 -14.00 17.07 24.54
C LEU C 288 -15.53 16.93 24.44
N SER C 289 -16.03 15.78 23.94
CA SER C 289 -17.47 15.50 23.72
C SER C 289 -18.11 16.53 22.75
N SER C 290 -17.32 16.95 21.73
CA SER C 290 -17.72 17.90 20.69
C SER C 290 -18.38 17.16 19.52
N PRO C 291 -19.38 17.77 18.80
CA PRO C 291 -20.02 17.06 17.67
C PRO C 291 -19.07 16.69 16.53
N ASP C 292 -18.03 17.53 16.30
CA ASP C 292 -17.04 17.27 15.25
C ASP C 292 -15.97 16.31 15.78
N GLU C 293 -15.88 15.11 15.15
CA GLU C 293 -14.95 14.03 15.53
C GLU C 293 -13.48 14.47 15.58
N ASP C 294 -13.06 15.35 14.65
CA ASP C 294 -11.68 15.84 14.58
C ASP C 294 -11.32 16.82 15.72
N ILE C 295 -12.33 17.42 16.38
CA ILE C 295 -12.09 18.35 17.48
C ILE C 295 -11.74 17.57 18.76
N LYS C 296 -12.42 16.43 19.01
CA LYS C 296 -12.15 15.57 20.18
C LYS C 296 -10.78 14.89 20.03
N LEU C 297 -10.38 14.56 18.78
CA LEU C 297 -9.12 13.92 18.44
C LEU C 297 -7.93 14.83 18.78
N LEU C 298 -7.94 16.09 18.29
CA LEU C 298 -6.88 17.07 18.52
C LEU C 298 -6.79 17.49 19.99
N SER C 299 -7.96 17.73 20.63
CA SER C 299 -8.04 18.15 22.04
C SER C 299 -7.46 17.12 23.00
N ALA C 300 -7.83 15.83 22.84
CA ALA C 300 -7.33 14.74 23.69
C ALA C 300 -5.83 14.54 23.48
N GLU C 301 -5.35 14.70 22.23
CA GLU C 301 -3.93 14.56 21.88
C GLU C 301 -3.10 15.71 22.45
N LEU C 302 -3.69 16.92 22.53
CA LEU C 302 -2.99 18.08 23.09
C LEU C 302 -3.02 18.00 24.62
N LEU C 303 -4.16 17.53 25.18
CA LEU C 303 -4.34 17.35 26.63
C LEU C 303 -3.43 16.23 27.14
N CYS C 304 -3.01 15.34 26.21
CA CYS C 304 -2.12 14.22 26.50
C CYS C 304 -0.71 14.71 26.84
N HIS C 305 -0.29 15.87 26.26
CA HIS C 305 1.02 16.47 26.52
C HIS C 305 1.01 17.26 27.83
N PHE C 306 -0.08 18.01 28.09
CA PHE C 306 -0.24 18.81 29.32
C PHE C 306 -0.57 17.94 30.53
N PRO C 307 0.07 18.18 31.70
CA PRO C 307 -0.25 17.36 32.87
C PRO C 307 -1.59 17.73 33.51
N ILE C 308 -2.39 16.71 33.89
CA ILE C 308 -3.70 16.88 34.53
C ILE C 308 -3.75 16.21 35.90
N THR C 309 -3.88 17.03 36.98
CA THR C 309 -3.90 16.56 38.36
C THR C 309 -5.08 17.13 39.17
N ASP C 310 -5.54 18.34 38.82
CA ASP C 310 -6.65 18.98 39.53
C ASP C 310 -8.02 18.47 39.11
N SER C 311 -8.30 18.46 37.80
CA SER C 311 -9.58 18.01 37.26
C SER C 311 -9.42 16.72 36.43
N LEU C 312 -8.92 15.65 37.07
CA LEU C 312 -8.72 14.37 36.39
C LEU C 312 -10.00 13.54 36.28
N ASP C 313 -10.87 13.58 37.32
CA ASP C 313 -12.13 12.83 37.33
C ASP C 313 -13.14 13.36 36.30
N LEU C 314 -13.07 14.67 36.00
CA LEU C 314 -13.94 15.31 35.01
C LEU C 314 -13.58 14.85 33.60
N VAL C 315 -12.29 14.48 33.40
CA VAL C 315 -11.78 13.98 32.12
C VAL C 315 -12.34 12.58 31.83
N LEU C 316 -12.27 11.65 32.82
CA LEU C 316 -12.77 10.27 32.68
C LEU C 316 -14.26 10.22 32.35
N GLU C 317 -15.06 11.15 32.91
CA GLU C 317 -16.50 11.24 32.68
C GLU C 317 -16.81 11.38 31.18
N LYS C 318 -16.00 12.19 30.46
CA LYS C 318 -16.15 12.43 29.02
C LYS C 318 -15.53 11.31 28.16
N CYS C 319 -14.43 10.70 28.65
CA CYS C 319 -13.72 9.63 27.93
C CYS C 319 -14.52 8.33 27.85
N TRP C 320 -15.03 7.83 28.99
CA TRP C 320 -15.83 6.60 29.04
C TRP C 320 -17.21 6.77 28.39
N LYS C 321 -17.67 8.03 28.23
CA LYS C 321 -18.94 8.38 27.61
C LYS C 321 -18.88 8.18 26.08
N ASN C 322 -17.74 8.57 25.46
CA ASN C 322 -17.51 8.45 24.01
C ASN C 322 -17.43 6.99 23.57
N ILE C 323 -16.86 6.11 24.43
CA ILE C 323 -16.73 4.68 24.17
C ILE C 323 -18.10 4.00 24.31
N GLU C 324 -18.86 4.38 25.37
CA GLU C 324 -20.20 3.85 25.66
C GLU C 324 -21.25 4.39 24.67
N SER C 325 -20.91 5.48 23.90
CA SER C 325 -21.81 6.10 22.92
C SER C 325 -22.22 5.12 21.80
N GLU C 326 -21.39 4.09 21.54
CA GLU C 326 -21.61 3.02 20.54
C GLU C 326 -21.89 3.58 19.14
N GLU C 327 -20.90 4.30 18.58
CA GLU C 327 -20.97 4.88 17.24
C GLU C 327 -20.20 3.98 16.28
N LEU C 328 -20.88 3.55 15.20
CA LEU C 328 -20.34 2.64 14.17
C LEU C 328 -18.96 3.05 13.63
N ILE C 329 -18.78 4.34 13.32
CA ILE C 329 -17.50 4.85 12.81
C ILE C 329 -17.04 6.06 13.67
N SER C 330 -15.91 5.90 14.38
CA SER C 330 -15.35 6.94 15.24
C SER C 330 -13.82 7.02 15.17
N VAL C 331 -13.29 8.23 14.96
CA VAL C 331 -11.85 8.49 14.85
C VAL C 331 -11.33 8.99 16.21
N SER C 332 -12.20 9.62 17.01
CA SER C 332 -11.89 10.18 18.33
C SER C 332 -11.61 9.10 19.39
N LYS C 333 -12.05 7.85 19.16
CA LYS C 333 -11.88 6.74 20.11
C LYS C 333 -10.41 6.39 20.41
N THR C 334 -9.54 6.39 19.39
CA THR C 334 -8.11 6.05 19.58
C THR C 334 -7.34 7.12 20.40
N SER C 335 -7.74 8.40 20.30
CA SER C 335 -7.10 9.50 21.02
C SER C 335 -7.51 9.53 22.50
N ASN C 336 -8.79 9.22 22.80
CA ASN C 336 -9.33 9.19 24.17
C ASN C 336 -8.68 8.10 25.02
N LEU C 337 -8.37 6.94 24.40
CA LEU C 337 -7.72 5.81 25.07
C LEU C 337 -6.28 6.13 25.43
N SER C 338 -5.59 6.92 24.57
CA SER C 338 -4.21 7.37 24.80
C SER C 338 -4.18 8.35 25.98
N LEU C 339 -5.27 9.12 26.16
CA LEU C 339 -5.43 10.08 27.25
C LEU C 339 -5.76 9.36 28.56
N LEU C 340 -6.50 8.23 28.47
CA LEU C 340 -6.87 7.40 29.63
C LEU C 340 -5.64 6.71 30.23
N THR C 341 -4.74 6.19 29.36
CA THR C 341 -3.49 5.53 29.75
C THR C 341 -2.63 6.47 30.61
N LYS C 342 -2.59 7.77 30.25
CA LYS C 342 -1.84 8.83 30.96
C LYS C 342 -2.34 8.97 32.41
N ILE C 343 -3.67 8.92 32.62
CA ILE C 343 -4.30 9.05 33.95
C ILE C 343 -3.95 7.87 34.86
N TYR C 344 -3.98 6.64 34.32
CA TYR C 344 -3.68 5.43 35.08
C TYR C 344 -2.17 5.19 35.27
N ARG C 345 -1.32 5.83 34.44
CA ARG C 345 0.14 5.69 34.56
C ARG C 345 0.72 6.71 35.54
N GLU C 346 0.31 7.99 35.43
CA GLU C 346 0.77 9.08 36.30
C GLU C 346 0.24 8.91 37.73
N ASN C 347 -1.07 8.57 37.86
CA ASN C 347 -1.72 8.31 39.14
C ASN C 347 -1.99 6.79 39.24
N PRO C 348 -1.07 6.03 39.88
CA PRO C 348 -1.26 4.56 39.95
C PRO C 348 -2.31 4.10 40.95
N GLU C 349 -2.85 5.03 41.75
CA GLU C 349 -3.87 4.75 42.77
C GLU C 349 -5.17 4.21 42.13
N LEU C 350 -5.60 4.84 41.02
CA LEU C 350 -6.83 4.47 40.30
C LEU C 350 -6.75 3.17 39.50
N SER C 351 -7.91 2.56 39.23
CA SER C 351 -8.07 1.33 38.46
C SER C 351 -9.30 1.42 37.56
N ILE C 352 -9.35 0.60 36.48
CA ILE C 352 -10.48 0.59 35.53
C ILE C 352 -11.76 0.07 36.22
N PRO C 353 -12.88 0.85 36.14
CA PRO C 353 -14.13 0.40 36.80
C PRO C 353 -14.68 -0.92 36.27
N PRO C 354 -15.37 -1.74 37.10
CA PRO C 354 -15.90 -3.03 36.61
C PRO C 354 -17.06 -2.86 35.62
N GLU C 355 -17.97 -1.91 35.90
CA GLU C 355 -19.13 -1.63 35.05
C GLU C 355 -18.70 -0.99 33.71
N ARG C 356 -17.63 -0.17 33.73
CA ARG C 356 -17.08 0.50 32.55
C ARG C 356 -16.08 -0.37 31.76
N LEU C 357 -15.74 -1.55 32.31
CA LEU C 357 -14.83 -2.51 31.66
C LEU C 357 -15.55 -3.21 30.49
N LYS C 358 -16.90 -3.29 30.56
CA LYS C 358 -17.76 -3.90 29.54
C LYS C 358 -17.69 -3.14 28.20
N ASP C 359 -17.31 -1.83 28.26
CA ASP C 359 -17.20 -0.95 27.10
C ASP C 359 -15.89 -1.14 26.31
N ILE C 360 -14.82 -1.64 26.97
CA ILE C 360 -13.51 -1.83 26.33
C ILE C 360 -13.40 -3.18 25.57
N PHE C 361 -14.40 -4.05 25.73
CA PHE C 361 -14.42 -5.37 25.09
C PHE C 361 -14.53 -5.36 23.54
N PRO C 362 -15.45 -4.57 22.91
CA PRO C 362 -15.54 -4.63 21.43
C PRO C 362 -14.38 -3.96 20.69
N CYS C 363 -13.43 -3.37 21.44
CA CYS C 363 -12.27 -2.68 20.87
C CYS C 363 -11.24 -3.65 20.28
N PHE C 364 -11.25 -4.90 20.75
CA PHE C 364 -10.33 -5.95 20.28
C PHE C 364 -10.66 -6.39 18.84
N THR C 365 -11.95 -6.30 18.45
CA THR C 365 -12.41 -6.70 17.11
C THR C 365 -12.65 -5.47 16.18
N SER C 366 -12.10 -4.30 16.55
CA SER C 366 -12.25 -3.07 15.75
C SER C 366 -11.48 -3.21 14.43
N PRO C 367 -12.06 -2.78 13.29
CA PRO C 367 -11.36 -2.93 12.00
C PRO C 367 -10.09 -2.11 11.90
N VAL C 368 -10.07 -0.91 12.53
CA VAL C 368 -8.92 -0.01 12.54
C VAL C 368 -7.79 -0.53 13.45
N PRO C 369 -6.55 -0.64 12.91
CA PRO C 369 -5.44 -1.17 13.72
C PRO C 369 -4.94 -0.21 14.79
N GLU C 370 -5.06 1.11 14.54
CA GLU C 370 -4.63 2.17 15.46
C GLU C 370 -5.37 2.09 16.80
N VAL C 371 -6.61 1.54 16.80
CA VAL C 371 -7.44 1.34 17.98
C VAL C 371 -6.99 0.07 18.73
N ARG C 372 -6.72 -1.03 17.98
CA ARG C 372 -6.25 -2.31 18.53
C ARG C 372 -4.88 -2.18 19.19
N THR C 373 -4.03 -1.28 18.67
CA THR C 373 -2.67 -1.02 19.17
C THR C 373 -2.71 -0.37 20.57
N SER C 374 -3.61 0.62 20.78
CA SER C 374 -3.76 1.35 22.04
C SER C 374 -4.32 0.51 23.20
N ILE C 375 -5.27 -0.41 22.90
CA ILE C 375 -5.92 -1.29 23.89
C ILE C 375 -4.92 -2.20 24.60
N LEU C 376 -4.10 -2.92 23.83
CA LEU C 376 -3.07 -3.84 24.34
C LEU C 376 -1.95 -3.09 25.06
N ASN C 377 -1.78 -1.78 24.74
CA ASN C 377 -0.80 -0.90 25.34
C ASN C 377 -1.37 -0.31 26.66
N VAL C 379 -3.91 -2.26 28.72
CA VAL C 379 -4.09 -3.39 29.66
C VAL C 379 -2.83 -4.26 29.79
N LYS C 380 -1.65 -3.69 29.44
CA LYS C 380 -0.37 -4.41 29.52
C LYS C 380 0.09 -4.65 30.97
N ASN C 381 -0.01 -3.62 31.84
CA ASN C 381 0.39 -3.73 33.25
C ASN C 381 -0.59 -4.61 34.03
N LEU C 382 -1.90 -4.29 33.93
CA LEU C 382 -2.95 -5.02 34.64
C LEU C 382 -3.16 -6.43 34.12
N SER C 383 -3.43 -7.37 35.04
CA SER C 383 -3.67 -8.77 34.75
C SER C 383 -4.99 -9.19 35.39
N GLU C 384 -5.97 -9.60 34.57
CA GLU C 384 -7.29 -10.02 35.02
C GLU C 384 -7.86 -11.07 34.06
N GLU C 385 -8.62 -12.05 34.60
CA GLU C 385 -9.23 -13.15 33.83
C GLU C 385 -10.18 -12.63 32.74
N SER C 386 -10.93 -11.56 33.04
CA SER C 386 -11.90 -10.93 32.13
C SER C 386 -11.27 -10.52 30.79
N ILE C 387 -10.12 -9.83 30.84
CA ILE C 387 -9.43 -9.40 29.61
C ILE C 387 -8.62 -10.56 28.99
N ASP C 388 -8.07 -11.46 29.84
CA ASP C 388 -7.26 -12.63 29.44
C ASP C 388 -7.89 -13.48 28.33
N PHE C 389 -9.23 -13.58 28.31
CA PHE C 389 -9.95 -14.32 27.27
C PHE C 389 -9.89 -13.58 25.93
N LEU C 390 -10.11 -12.24 25.96
CA LEU C 390 -10.09 -11.39 24.76
C LEU C 390 -8.73 -11.30 24.12
N VAL C 391 -7.64 -11.36 24.92
CA VAL C 391 -6.27 -11.30 24.43
C VAL C 391 -5.96 -12.58 23.62
N ALA C 392 -6.52 -13.73 24.05
CA ALA C 392 -6.36 -15.00 23.37
C ALA C 392 -7.21 -15.06 22.08
N GLU C 393 -8.18 -14.13 21.93
CA GLU C 393 -9.04 -14.05 20.74
C GLU C 393 -8.38 -13.26 19.61
N VAL C 394 -7.42 -12.38 19.95
CA VAL C 394 -6.69 -11.57 18.98
C VAL C 394 -5.66 -12.47 18.27
N VAL C 395 -5.07 -13.40 19.04
CA VAL C 395 -4.06 -14.37 18.56
C VAL C 395 -4.66 -15.34 17.53
N LEU C 396 -5.93 -15.72 17.72
CA LEU C 396 -6.63 -16.65 16.83
C LEU C 396 -7.27 -16.01 15.60
N ILE C 397 -7.75 -14.75 15.71
CA ILE C 397 -8.45 -14.08 14.60
C ILE C 397 -7.61 -13.01 13.86
N GLU C 398 -7.41 -11.82 14.50
CA GLU C 398 -6.74 -10.64 13.92
C GLU C 398 -5.54 -10.95 13.02
N GLU C 399 -5.67 -10.55 11.75
CA GLU C 399 -4.76 -10.74 10.63
C GLU C 399 -3.30 -10.24 10.84
N LYS C 400 -3.11 -8.91 11.06
CA LYS C 400 -1.79 -8.28 11.23
C LYS C 400 -1.01 -8.89 12.39
N ASP C 401 0.20 -9.42 12.09
CA ASP C 401 1.05 -10.04 13.10
C ASP C 401 1.69 -9.04 14.06
N GLU C 402 1.85 -7.77 13.62
CA GLU C 402 2.42 -6.70 14.44
C GLU C 402 1.62 -6.50 15.73
N ILE C 403 0.28 -6.40 15.60
CA ILE C 403 -0.62 -6.17 16.73
C ILE C 403 -0.80 -7.43 17.59
N ARG C 404 -0.70 -8.63 16.99
CA ARG C 404 -0.88 -9.88 17.76
C ARG C 404 0.38 -10.28 18.55
N GLU C 405 1.58 -9.82 18.11
CA GLU C 405 2.84 -10.11 18.81
C GLU C 405 2.83 -9.39 20.16
N ALA C 407 0.14 -9.05 21.86
CA ALA C 407 -0.76 -9.90 22.66
C ALA C 407 -0.08 -11.18 23.12
N ILE C 408 0.72 -11.83 22.23
CA ILE C 408 1.46 -13.06 22.51
C ILE C 408 2.42 -12.90 23.71
N LYS C 409 3.18 -11.79 23.72
CA LYS C 409 4.15 -11.49 24.79
C LYS C 409 3.49 -11.35 26.17
N LEU C 410 2.20 -10.91 26.20
CA LEU C 410 1.43 -10.77 27.44
C LEU C 410 1.09 -12.14 28.04
N LEU C 411 0.79 -13.13 27.16
CA LEU C 411 0.46 -14.49 27.56
C LEU C 411 1.69 -15.24 28.06
N LYS C 412 2.88 -14.94 27.50
CA LYS C 412 4.14 -15.56 27.92
C LYS C 412 4.73 -14.86 29.15
N LYS C 413 3.99 -13.87 29.71
CA LYS C 413 4.40 -13.11 30.90
C LYS C 413 3.62 -13.60 32.13
N LEU C 417 -1.33 -18.31 35.02
CA LEU C 417 -2.40 -18.40 34.04
C LEU C 417 -3.57 -19.22 34.58
N PRO C 418 -4.83 -18.70 34.54
CA PRO C 418 -5.97 -19.47 35.09
C PRO C 418 -6.39 -20.69 34.26
N LYS C 419 -6.92 -21.71 34.95
CA LYS C 419 -7.37 -23.00 34.38
C LYS C 419 -8.54 -22.88 33.42
N ASN C 420 -9.50 -21.97 33.70
CA ASN C 420 -10.72 -21.78 32.91
C ASN C 420 -10.46 -21.47 31.43
N LEU C 421 -9.46 -20.60 31.12
CA LEU C 421 -9.16 -20.24 29.74
C LEU C 421 -8.42 -21.35 28.98
N ILE C 422 -7.56 -22.12 29.67
CA ILE C 422 -6.79 -23.22 29.06
C ILE C 422 -7.75 -24.27 28.47
N LEU C 423 -8.83 -24.57 29.20
CA LEU C 423 -9.86 -25.52 28.79
C LEU C 423 -10.78 -24.93 27.71
N HIS C 424 -11.12 -23.63 27.82
CA HIS C 424 -12.00 -22.92 26.89
C HIS C 424 -11.41 -22.79 25.48
N PHE C 425 -10.11 -22.46 25.36
CA PHE C 425 -9.46 -22.29 24.06
C PHE C 425 -8.92 -23.59 23.48
N ASN C 427 -10.72 -26.19 23.10
CA ASN C 427 -11.87 -26.71 22.36
C ASN C 427 -11.99 -26.08 20.97
N VAL C 428 -11.65 -24.78 20.83
CA VAL C 428 -11.72 -24.09 19.53
C VAL C 428 -10.58 -24.52 18.61
N ILE C 429 -9.40 -24.85 19.19
CA ILE C 429 -8.22 -25.31 18.44
C ILE C 429 -8.44 -26.76 17.95
N GLY C 430 -9.09 -27.56 18.79
CA GLY C 430 -9.40 -28.95 18.49
C GLY C 430 -10.43 -29.14 17.39
N GLY C 431 -11.17 -28.07 17.08
CA GLY C 431 -12.18 -28.07 16.03
C GLY C 431 -11.58 -28.12 14.64
N SER C 432 -12.38 -28.54 13.65
CA SER C 432 -11.95 -28.65 12.26
C SER C 432 -11.59 -27.29 11.66
N LEU C 433 -10.60 -27.28 10.75
CA LEU C 433 -10.13 -26.07 10.08
C LEU C 433 -11.06 -25.64 8.95
N TYR C 434 -11.78 -26.60 8.34
CA TYR C 434 -12.72 -26.36 7.24
C TYR C 434 -14.00 -25.68 7.74
N GLU C 435 -14.33 -25.90 9.03
CA GLU C 435 -15.48 -25.28 9.69
C GLU C 435 -15.02 -23.99 10.38
N PRO C 436 -15.69 -22.84 10.14
CA PRO C 436 -15.26 -21.58 10.79
C PRO C 436 -15.59 -21.51 12.28
N TYR C 437 -15.08 -20.48 12.97
CA TYR C 437 -15.32 -20.28 14.41
C TYR C 437 -16.80 -19.99 14.73
N SER C 438 -17.25 -20.35 15.95
CA SER C 438 -18.62 -20.17 16.41
C SER C 438 -18.86 -18.84 17.10
N GLU C 439 -20.05 -18.24 16.84
CA GLU C 439 -20.49 -16.94 17.35
C GLU C 439 -20.58 -16.84 18.89
N ASP C 440 -21.42 -17.69 19.53
CA ASP C 440 -21.63 -17.67 20.99
C ASP C 440 -20.42 -18.15 21.81
N ASP C 441 -19.49 -18.91 21.18
CA ASP C 441 -18.28 -19.41 21.84
C ASP C 441 -17.27 -18.26 21.98
N PHE C 442 -17.15 -17.40 20.96
CA PHE C 442 -16.25 -16.25 20.98
C PHE C 442 -16.94 -15.01 21.55
N VAL C 443 -16.18 -14.20 22.29
CA VAL C 443 -16.67 -12.95 22.89
C VAL C 443 -16.76 -11.87 21.80
N SER C 444 -15.67 -11.68 21.03
CA SER C 444 -15.61 -10.69 19.95
C SER C 444 -15.99 -11.33 18.61
N TYR C 445 -16.80 -10.61 17.81
CA TYR C 445 -17.27 -11.08 16.51
C TYR C 445 -16.72 -10.28 15.34
N GLU C 446 -16.45 -10.97 14.22
CA GLU C 446 -15.93 -10.40 12.97
C GLU C 446 -16.48 -11.23 11.80
N ASP C 447 -16.81 -10.57 10.66
CA ASP C 447 -17.34 -11.26 9.46
C ASP C 447 -16.35 -12.29 8.88
N LEU C 448 -15.04 -12.11 9.16
CA LEU C 448 -13.99 -13.03 8.73
C LEU C 448 -13.74 -14.06 9.86
N TYR C 449 -13.28 -15.28 9.50
CA TYR C 449 -13.00 -16.41 10.41
C TYR C 449 -14.28 -17.05 11.00
N PHE C 450 -15.46 -16.44 10.74
CA PHE C 450 -16.75 -16.91 11.23
C PHE C 450 -17.70 -17.33 10.08
N THR C 451 -17.38 -16.90 8.85
CA THR C 451 -18.17 -17.21 7.65
C THR C 451 -17.46 -18.32 6.85
N LYS C 452 -18.25 -19.22 6.21
CA LYS C 452 -17.76 -20.33 5.38
C LYS C 452 -16.89 -19.79 4.23
N SER C 453 -17.28 -18.64 3.67
CA SER C 453 -16.56 -17.97 2.59
C SER C 453 -15.34 -17.20 3.13
N GLY C 454 -15.45 -16.75 4.39
CA GLY C 454 -14.40 -15.99 5.07
C GLY C 454 -13.13 -16.78 5.32
N ILE C 455 -13.26 -18.05 5.75
CA ILE C 455 -12.12 -18.93 6.03
C ILE C 455 -11.40 -19.37 4.74
N ASN C 456 -12.10 -19.33 3.60
CA ASN C 456 -11.53 -19.67 2.29
C ASN C 456 -10.53 -18.59 1.85
N VAL C 457 -10.74 -17.33 2.30
CA VAL C 457 -9.88 -16.19 2.01
C VAL C 457 -8.51 -16.34 2.73
N VAL C 458 -8.55 -16.75 4.02
CA VAL C 458 -7.32 -16.93 4.83
C VAL C 458 -6.63 -18.28 4.54
N GLY C 459 -7.42 -19.33 4.31
CA GLY C 459 -6.90 -20.66 4.01
C GLY C 459 -6.55 -21.51 5.21
N LYS C 460 -6.33 -22.83 4.98
CA LYS C 460 -5.98 -23.83 5.99
C LYS C 460 -4.65 -23.54 6.72
N ASP C 461 -3.63 -23.06 5.99
CA ASP C 461 -2.31 -22.74 6.52
C ASP C 461 -2.34 -21.61 7.58
N GLU C 462 -3.11 -20.53 7.31
CA GLU C 462 -3.23 -19.38 8.21
C GLU C 462 -3.99 -19.71 9.49
N ILE C 463 -5.12 -20.46 9.39
CA ILE C 463 -5.94 -20.85 10.55
C ILE C 463 -5.11 -21.67 11.54
N LEU C 464 -4.29 -22.62 11.03
CA LEU C 464 -3.42 -23.48 11.84
C LEU C 464 -2.30 -22.67 12.50
N LYS C 465 -1.72 -21.68 11.77
CA LYS C 465 -0.67 -20.79 12.28
C LYS C 465 -1.14 -20.05 13.54
N ASN C 466 -2.36 -19.45 13.47
CA ASN C 466 -2.99 -18.70 14.56
C ASN C 466 -3.20 -19.57 15.81
N ARG C 467 -3.61 -20.84 15.61
CA ARG C 467 -3.84 -21.80 16.69
C ARG C 467 -2.51 -22.24 17.32
N CYS C 468 -1.49 -22.50 16.48
CA CYS C 468 -0.16 -22.93 16.93
C CYS C 468 0.58 -21.86 17.74
N LEU C 469 0.36 -20.57 17.42
CA LEU C 469 0.99 -19.46 18.13
C LEU C 469 0.42 -19.34 19.55
N LEU C 470 -0.90 -19.56 19.71
CA LEU C 470 -1.59 -19.51 21.01
C LEU C 470 -1.19 -20.73 21.83
N PHE C 471 -1.00 -21.88 21.16
CA PHE C 471 -0.62 -23.15 21.76
C PHE C 471 0.76 -23.08 22.44
N GLU C 472 1.68 -22.26 21.91
CA GLU C 472 3.04 -22.06 22.47
C GLU C 472 2.99 -21.31 23.80
N CYS C 473 1.96 -20.46 24.00
CA CYS C 473 1.75 -19.67 25.21
C CYS C 473 1.22 -20.51 26.36
N ILE C 474 0.43 -21.55 26.03
CA ILE C 474 -0.17 -22.47 27.00
C ILE C 474 0.92 -23.33 27.67
N LYS C 476 3.92 -22.59 28.57
CA LYS C 476 4.68 -21.87 29.61
C LYS C 476 4.17 -22.11 31.04
N SER C 477 2.86 -21.86 31.30
CA SER C 477 2.27 -22.08 32.62
C SER C 477 1.69 -23.50 32.74
N GLY C 478 1.33 -23.89 33.97
CA GLY C 478 0.74 -25.19 34.28
C GLY C 478 -0.57 -25.42 33.54
N LEU C 479 -0.81 -26.67 33.10
CA LEU C 479 -2.01 -26.99 32.34
C LEU C 479 -2.77 -28.22 32.86
N PRO C 480 -4.11 -28.13 33.04
CA PRO C 480 -4.87 -29.28 33.54
C PRO C 480 -5.48 -30.15 32.43
N ASP C 481 -5.24 -31.48 32.48
CA ASP C 481 -5.76 -32.42 31.49
C ASP C 481 -7.27 -32.63 31.60
N LEU C 482 -7.99 -32.52 30.47
CA LEU C 482 -9.45 -32.69 30.39
C LEU C 482 -9.81 -33.86 29.45
N GLN C 483 -10.97 -34.50 29.73
CA GLN C 483 -11.49 -35.66 28.99
C GLN C 483 -12.19 -35.30 27.65
N SER C 484 -12.59 -34.02 27.46
CA SER C 484 -13.30 -33.57 26.26
C SER C 484 -12.43 -33.60 24.98
N THR C 485 -12.88 -34.37 23.97
CA THR C 485 -12.19 -34.55 22.68
C THR C 485 -13.21 -34.51 21.52
N ILE C 486 -12.80 -33.93 20.37
CA ILE C 486 -13.64 -33.82 19.16
C ILE C 486 -13.33 -34.96 18.18
N THR C 489 -11.42 -34.02 14.37
CA THR C 489 -10.40 -34.51 13.45
C THR C 489 -9.00 -34.09 13.89
N THR C 490 -8.75 -32.77 13.90
CA THR C 490 -7.46 -32.21 14.31
C THR C 490 -7.43 -31.92 15.83
N SER C 491 -8.28 -32.63 16.59
CA SER C 491 -8.37 -32.52 18.04
C SER C 491 -7.29 -33.39 18.66
N ARG C 492 -7.06 -34.60 18.08
CA ARG C 492 -6.06 -35.54 18.54
C ARG C 492 -4.64 -35.08 18.25
N THR C 493 -4.43 -34.23 17.23
CA THR C 493 -3.10 -33.73 16.90
C THR C 493 -2.63 -32.70 17.94
N PHE C 494 -3.56 -31.98 18.59
CA PHE C 494 -3.25 -30.99 19.62
C PHE C 494 -3.26 -31.57 21.03
N ILE C 495 -4.22 -32.48 21.32
CA ILE C 495 -4.34 -33.13 22.63
C ILE C 495 -3.14 -34.07 22.89
N SER C 496 -2.60 -34.71 21.83
CA SER C 496 -1.44 -35.60 21.93
C SER C 496 -0.16 -34.85 22.29
N LEU C 497 -0.05 -33.57 21.83
CA LEU C 497 1.08 -32.72 22.17
C LEU C 497 0.86 -32.14 23.57
N TYR C 498 -0.42 -31.83 23.90
CA TYR C 498 -0.85 -31.30 25.20
C TYR C 498 -0.57 -32.32 26.33
N ARG C 499 -0.80 -33.63 26.04
CA ARG C 499 -0.52 -34.73 26.98
C ARG C 499 0.98 -34.95 27.07
N SER C 500 1.72 -34.67 25.98
CA SER C 500 3.17 -34.82 25.91
C SER C 500 3.86 -33.73 26.73
N VAL C 501 3.39 -32.46 26.62
CA VAL C 501 3.90 -31.32 27.39
C VAL C 501 3.63 -31.60 28.88
N GLN C 502 2.47 -32.22 29.18
CA GLN C 502 2.07 -32.63 30.52
C GLN C 502 3.06 -33.67 31.05
N ALA C 503 3.45 -34.64 30.20
CA ALA C 503 4.40 -35.71 30.53
C ALA C 503 5.83 -35.17 30.72
N LEU C 504 6.17 -34.09 30.00
CA LEU C 504 7.48 -33.43 30.08
C LEU C 504 7.70 -32.80 31.46
N VAL C 505 6.62 -32.32 32.10
CA VAL C 505 6.66 -31.71 33.45
C VAL C 505 5.79 -32.48 34.44
N PRO C 512 3.58 -43.41 25.09
CA PRO C 512 3.04 -43.12 23.75
C PRO C 512 2.14 -44.24 23.22
N ALA C 513 1.01 -43.86 22.59
CA ALA C 513 0.06 -44.82 22.02
C ALA C 513 0.40 -45.10 20.56
N ASN C 514 0.52 -46.39 20.19
CA ASN C 514 0.86 -46.82 18.83
C ASN C 514 -0.25 -46.57 17.80
N ILE C 515 0.07 -46.75 16.50
CA ILE C 515 -0.87 -46.55 15.40
C ILE C 515 -1.96 -47.63 15.39
N GLU C 516 -3.23 -47.19 15.40
CA GLU C 516 -4.37 -48.09 15.39
C GLU C 516 -4.85 -48.32 13.94
N GLU C 517 -6.00 -49.01 13.77
CA GLU C 517 -6.58 -49.30 12.45
C GLU C 517 -6.89 -48.00 11.71
N LEU C 518 -6.55 -47.94 10.40
CA LEU C 518 -6.74 -46.78 9.54
C LEU C 518 -8.22 -46.38 9.38
N GLU C 519 -9.15 -47.35 9.47
CA GLU C 519 -10.60 -47.14 9.35
C GLU C 519 -11.21 -46.52 10.63
N TYR C 520 -10.61 -46.81 11.81
CA TYR C 520 -11.07 -46.30 13.13
C TYR C 520 -11.20 -44.77 13.15
N TYR C 521 -10.28 -44.07 12.47
CA TYR C 521 -10.27 -42.61 12.41
C TYR C 521 -11.41 -42.06 11.54
N PHE C 522 -11.90 -42.84 10.56
CA PHE C 522 -13.00 -42.44 9.67
C PHE C 522 -14.34 -42.44 10.43
N ASP C 523 -14.48 -43.33 11.42
CA ASP C 523 -15.70 -43.45 12.22
C ASP C 523 -15.87 -42.34 13.26
N ARG C 524 -14.77 -42.00 13.98
CA ARG C 524 -14.80 -40.97 15.02
C ARG C 524 -14.74 -39.53 14.48
N CYS C 525 -13.77 -39.24 13.58
CA CYS C 525 -13.56 -37.92 13.00
C CYS C 525 -14.66 -37.52 12.01
N LYS C 526 -14.79 -36.20 11.73
CA LYS C 526 -15.81 -35.65 10.83
C LYS C 526 -15.26 -35.38 9.41
N ASP C 527 -14.01 -34.90 9.31
CA ASP C 527 -13.35 -34.56 8.04
C ASP C 527 -13.09 -35.75 7.12
N LEU C 528 -12.66 -36.89 7.68
CA LEU C 528 -12.37 -38.11 6.91
C LEU C 528 -13.66 -38.78 6.44
N LYS C 529 -14.75 -38.59 7.21
CA LYS C 529 -16.08 -39.16 6.97
C LYS C 529 -16.72 -38.70 5.65
N ALA C 531 -15.03 -37.35 2.86
CA ALA C 531 -14.18 -37.70 1.72
C ALA C 531 -14.19 -39.22 1.47
N PRO C 532 -14.18 -39.68 0.17
CA PRO C 532 -14.20 -41.14 -0.07
C PRO C 532 -12.88 -41.83 0.23
N LEU C 533 -12.95 -43.05 0.81
CA LEU C 533 -11.78 -43.85 1.16
C LEU C 533 -11.15 -44.58 -0.05
N LYS C 534 -11.89 -44.65 -1.17
CA LYS C 534 -11.41 -45.30 -2.40
C LYS C 534 -10.31 -44.46 -3.07
N GLU C 535 -10.43 -43.13 -3.03
CA GLU C 535 -9.45 -42.20 -3.60
C GLU C 535 -8.38 -41.83 -2.56
N PHE C 536 -8.74 -41.92 -1.25
CA PHE C 536 -7.86 -41.63 -0.12
C PHE C 536 -6.75 -42.69 0.01
N LYS C 537 -7.10 -43.97 -0.18
CA LYS C 537 -6.15 -45.08 -0.12
C LYS C 537 -5.22 -45.07 -1.33
N LYS C 538 -5.73 -44.67 -2.52
CA LYS C 538 -4.94 -44.59 -3.75
C LYS C 538 -3.92 -43.45 -3.64
N LYS C 539 -4.31 -42.35 -2.96
CA LYS C 539 -3.44 -41.19 -2.72
C LYS C 539 -2.36 -41.60 -1.70
N LEU C 540 -2.73 -42.43 -0.70
CA LEU C 540 -1.82 -42.95 0.32
C LEU C 540 -0.84 -43.97 -0.30
N SER C 541 -1.32 -44.75 -1.28
CA SER C 541 -0.52 -45.78 -1.96
C SER C 541 0.45 -45.22 -3.02
N ALA C 542 0.24 -43.96 -3.47
CA ALA C 542 1.11 -43.32 -4.47
C ALA C 542 2.56 -43.08 -3.97
N PRO C 543 2.84 -42.24 -2.93
CA PRO C 543 1.93 -41.44 -2.10
C PRO C 543 1.86 -39.95 -2.49
N GLY C 544 2.82 -39.49 -3.28
CA GLY C 544 2.94 -38.09 -3.70
C GLY C 544 1.94 -37.61 -4.73
N ILE C 545 1.77 -38.38 -5.84
CA ILE C 545 0.89 -38.05 -6.97
C ILE C 545 -0.48 -37.47 -6.53
N ARG C 546 -0.80 -36.25 -7.00
CA ARG C 546 -2.04 -35.52 -6.70
C ARG C 546 -3.27 -36.23 -7.30
N SER C 547 -4.48 -35.86 -6.85
CA SER C 547 -5.71 -36.44 -7.37
C SER C 547 -6.74 -35.35 -7.69
N ILE C 548 -7.70 -35.67 -8.61
CA ILE C 548 -8.74 -34.74 -9.08
C ILE C 548 -9.67 -34.25 -7.94
N HIS C 549 -9.94 -35.10 -6.93
CA HIS C 549 -10.81 -34.77 -5.79
C HIS C 549 -10.26 -33.56 -4.99
N PRO C 550 -11.11 -32.61 -4.54
CA PRO C 550 -10.58 -31.43 -3.82
C PRO C 550 -10.22 -31.65 -2.36
N VAL C 552 -8.78 -34.84 -1.14
CA VAL C 552 -7.71 -35.84 -0.97
C VAL C 552 -6.36 -35.22 -0.52
N ASP C 553 -5.89 -34.17 -1.20
CA ASP C 553 -4.63 -33.48 -0.88
C ASP C 553 -4.64 -32.76 0.50
N PRO C 554 -5.66 -31.89 0.83
CA PRO C 554 -5.63 -31.20 2.12
C PRO C 554 -5.79 -32.13 3.34
N LEU C 555 -6.60 -33.20 3.20
CA LEU C 555 -6.81 -34.15 4.28
C LEU C 555 -5.64 -35.11 4.47
N TYR C 556 -4.83 -35.32 3.42
CA TYR C 556 -3.63 -36.15 3.50
C TYR C 556 -2.63 -35.46 4.41
N SER C 557 -2.57 -34.11 4.32
CA SER C 557 -1.70 -33.28 5.15
C SER C 557 -2.20 -33.28 6.60
N ASP C 558 -3.54 -33.36 6.78
CA ASP C 558 -4.17 -33.41 8.11
C ASP C 558 -3.96 -34.79 8.74
N TYR C 559 -3.95 -35.85 7.89
CA TYR C 559 -3.74 -37.24 8.31
C TYR C 559 -2.29 -37.46 8.75
N THR C 560 -1.32 -36.96 7.94
CA THR C 560 0.12 -37.07 8.22
C THR C 560 0.46 -36.31 9.51
N ARG C 561 -0.24 -35.17 9.74
CA ARG C 561 -0.11 -34.33 10.92
C ARG C 561 -0.51 -35.12 12.17
N VAL C 563 -0.99 -38.57 12.52
CA VAL C 563 -0.21 -39.80 12.70
C VAL C 563 1.16 -39.52 13.35
N ALA C 564 1.90 -38.50 12.84
CA ALA C 564 3.21 -38.12 13.36
C ALA C 564 3.16 -37.54 14.77
N SER C 565 2.05 -36.83 15.12
CA SER C 565 1.88 -36.21 16.45
C SER C 565 1.47 -37.18 17.55
N ILE C 566 0.61 -38.18 17.24
CA ILE C 566 0.19 -39.18 18.24
C ILE C 566 1.37 -40.13 18.53
N GLU C 567 2.18 -40.43 17.49
CA GLU C 567 3.36 -41.29 17.58
C GLU C 567 4.51 -40.60 18.36
N PHE C 568 4.40 -39.27 18.58
CA PHE C 568 5.42 -38.48 19.29
C PHE C 568 5.63 -38.96 20.72
N PRO C 569 6.90 -39.20 21.16
CA PRO C 569 8.17 -39.03 20.42
C PRO C 569 8.40 -40.12 19.36
N GLY C 570 8.40 -39.71 18.09
CA GLY C 570 8.57 -40.61 16.95
C GLY C 570 9.65 -40.16 15.97
N LEU C 571 10.23 -41.11 15.23
CA LEU C 571 11.30 -40.83 14.26
C LEU C 571 11.00 -41.35 12.83
N GLU C 572 10.17 -42.41 12.71
CA GLU C 572 9.82 -43.00 11.42
C GLU C 572 8.62 -42.30 10.76
N ARG C 573 7.67 -41.82 11.58
CA ARG C 573 6.46 -41.11 11.11
C ARG C 573 6.72 -39.62 10.94
N ALA C 574 7.80 -39.10 11.56
CA ALA C 574 8.18 -37.68 11.52
C ALA C 574 8.92 -37.26 10.23
N THR C 575 9.57 -38.21 9.52
CA THR C 575 10.31 -37.93 8.29
C THR C 575 9.39 -37.47 7.14
N ALA C 576 8.24 -38.15 6.96
CA ALA C 576 7.25 -37.82 5.92
C ALA C 576 6.44 -36.57 6.26
N LEU C 577 6.38 -36.21 7.57
CA LEU C 577 5.66 -35.03 8.07
C LEU C 577 6.24 -33.74 7.50
N PHE C 578 7.58 -33.56 7.64
CA PHE C 578 8.30 -32.37 7.18
C PHE C 578 8.32 -32.21 5.65
N GLU C 579 7.95 -33.26 4.90
CA GLU C 579 7.95 -33.23 3.44
C GLU C 579 6.65 -32.67 2.84
N VAL C 580 5.49 -33.16 3.32
CA VAL C 580 4.17 -32.80 2.77
C VAL C 580 3.45 -31.65 3.54
N GLU C 581 3.92 -31.29 4.77
CA GLU C 581 3.27 -30.22 5.56
C GLU C 581 3.32 -28.86 4.87
N THR C 582 2.14 -28.35 4.50
CA THR C 582 1.96 -27.06 3.83
C THR C 582 2.22 -25.89 4.78
N CYS C 583 1.83 -26.04 6.07
CA CYS C 583 1.99 -25.00 7.10
C CYS C 583 3.39 -25.03 7.69
N LYS C 584 4.02 -23.85 7.82
CA LYS C 584 5.37 -23.74 8.36
C LYS C 584 5.41 -23.45 9.86
N GLN C 585 4.33 -22.85 10.42
CA GLN C 585 4.24 -22.54 11.86
C GLN C 585 4.11 -23.81 12.70
N PHE C 586 3.41 -24.85 12.17
CA PHE C 586 3.25 -26.12 12.86
C PHE C 586 4.58 -26.86 12.95
N LEU C 587 5.44 -26.72 11.91
CA LEU C 587 6.76 -27.35 11.87
C LEU C 587 7.68 -26.74 12.95
N HIS C 588 7.43 -25.47 13.33
CA HIS C 588 8.17 -24.76 14.38
C HIS C 588 7.71 -25.26 15.75
N LEU C 589 6.40 -25.55 15.89
CA LEU C 589 5.79 -26.05 17.13
C LEU C 589 6.26 -27.48 17.42
N PHE C 590 6.29 -28.34 16.38
CA PHE C 590 6.71 -29.74 16.49
C PHE C 590 8.19 -29.84 16.87
N SER C 591 9.03 -28.95 16.31
CA SER C 591 10.47 -28.90 16.58
C SER C 591 10.75 -28.27 17.96
N LYS C 592 9.81 -27.43 18.45
CA LYS C 592 9.92 -26.79 19.76
C LYS C 592 9.78 -27.86 20.86
N ILE C 594 10.70 -31.35 20.38
CA ILE C 594 11.93 -32.16 20.23
C ILE C 594 13.12 -31.57 21.00
N THR C 595 13.40 -30.26 20.82
CA THR C 595 14.52 -29.57 21.47
C THR C 595 14.34 -29.51 23.02
N GLU C 596 13.08 -29.41 23.50
CA GLU C 596 12.77 -29.38 24.94
C GLU C 596 13.03 -30.74 25.57
N TYR C 597 12.84 -31.81 24.77
CA TYR C 597 13.08 -33.18 25.20
C TYR C 597 14.55 -33.53 25.19
N TYR C 598 15.32 -32.97 24.22
CA TYR C 598 16.76 -33.19 24.12
C TYR C 598 17.51 -32.52 25.28
N ASP C 599 16.98 -31.38 25.79
CA ASP C 599 17.55 -30.65 26.92
C ASP C 599 17.37 -31.44 28.22
N ALA C 600 16.16 -32.02 28.43
CA ALA C 600 15.83 -32.84 29.60
C ALA C 600 16.29 -34.29 29.41
N GLU C 601 16.85 -34.59 28.21
CA GLU C 601 17.37 -35.90 27.78
C GLU C 601 16.30 -37.02 27.81
N LYS C 602 15.07 -36.67 27.37
CA LYS C 602 13.94 -37.60 27.28
C LYS C 602 13.87 -38.23 25.88
N ILE C 603 14.23 -37.46 24.83
CA ILE C 603 14.22 -37.96 23.44
C ILE C 603 15.63 -38.39 22.99
N SER C 604 15.67 -39.45 22.16
CA SER C 604 16.90 -39.99 21.59
C SER C 604 16.74 -40.01 20.07
N ILE C 605 17.12 -38.91 19.40
CA ILE C 605 16.99 -38.80 17.94
C ILE C 605 18.35 -38.74 17.23
N ASP C 606 18.65 -39.79 16.46
CA ASP C 606 19.89 -39.91 15.68
C ASP C 606 19.52 -40.34 14.26
N ASN C 607 18.57 -41.30 14.14
CA ASN C 607 18.08 -41.80 12.85
C ASN C 607 17.21 -40.75 12.14
N PHE C 608 16.57 -39.86 12.91
CA PHE C 608 15.78 -38.77 12.35
C PHE C 608 16.72 -37.63 11.96
N LEU C 609 17.72 -37.34 12.82
CA LEU C 609 18.73 -36.30 12.63
C LEU C 609 19.59 -36.55 11.37
N LEU C 610 19.90 -37.84 11.10
CA LEU C 610 20.69 -38.27 9.94
C LEU C 610 19.90 -38.04 8.65
N LYS C 611 18.58 -38.31 8.69
CA LYS C 611 17.71 -38.11 7.52
C LYS C 611 17.36 -36.63 7.35
N ALA C 612 17.36 -35.86 8.46
CA ALA C 612 17.08 -34.42 8.46
C ALA C 612 18.17 -33.66 7.71
N TYR C 613 19.45 -34.06 7.90
CA TYR C 613 20.62 -33.48 7.23
C TYR C 613 20.52 -33.71 5.73
N GLU C 614 20.19 -34.95 5.31
CA GLU C 614 20.02 -35.31 3.90
C GLU C 614 18.73 -34.69 3.31
N GLY C 615 17.93 -34.08 4.18
CA GLY C 615 16.69 -33.40 3.79
C GLY C 615 16.97 -32.11 3.06
N LEU C 616 17.85 -31.25 3.64
CA LEU C 616 18.25 -29.97 3.04
C LEU C 616 19.22 -30.19 1.88
N ALA C 617 20.09 -31.21 2.00
CA ALA C 617 21.08 -31.56 0.97
C ALA C 617 20.43 -32.04 -0.33
N SER C 618 19.24 -32.68 -0.22
CA SER C 618 18.49 -33.17 -1.39
C SER C 618 17.71 -32.03 -2.04
N GLY C 619 17.00 -31.24 -1.24
CA GLY C 619 16.22 -30.11 -1.71
C GLY C 619 14.91 -29.93 -0.99
N LYS C 620 14.66 -30.73 0.08
CA LYS C 620 13.45 -30.67 0.88
C LYS C 620 13.61 -29.59 1.97
N ASP C 621 13.10 -28.37 1.68
CA ASP C 621 13.18 -27.19 2.54
C ASP C 621 12.37 -27.29 3.85
N GLY C 622 11.57 -28.34 4.00
CA GLY C 622 10.75 -28.55 5.18
C GLY C 622 11.55 -28.72 6.46
N PHE C 623 12.66 -29.50 6.38
CA PHE C 623 13.56 -29.78 7.50
C PHE C 623 14.27 -28.53 8.04
N LEU C 624 14.30 -27.42 7.25
CA LEU C 624 14.92 -26.15 7.65
C LEU C 624 14.28 -25.60 8.94
N SER C 625 12.94 -25.79 9.08
CA SER C 625 12.18 -25.35 10.26
C SER C 625 12.69 -26.02 11.54
N PHE C 626 13.19 -27.27 11.44
CA PHE C 626 13.72 -28.02 12.57
C PHE C 626 15.09 -27.49 13.02
N PHE C 627 15.98 -27.18 12.06
CA PHE C 627 17.32 -26.67 12.36
C PHE C 627 17.34 -25.23 12.85
N GLU C 628 16.28 -24.46 12.54
CA GLU C 628 16.17 -23.09 13.03
C GLU C 628 15.89 -23.11 14.54
N VAL C 629 15.14 -24.13 14.99
CA VAL C 629 14.80 -24.35 16.40
C VAL C 629 16.00 -25.03 17.10
N PHE C 630 16.51 -26.14 16.53
CA PHE C 630 17.65 -26.90 17.03
C PHE C 630 18.90 -26.42 16.28
N ASN C 631 19.52 -25.32 16.75
CA ASN C 631 20.67 -24.74 16.07
C ASN C 631 22.03 -25.09 16.73
N THR C 632 22.55 -24.21 17.63
CA THR C 632 23.83 -24.36 18.32
C THR C 632 24.02 -25.76 18.96
N ARG C 633 22.90 -26.40 19.35
CA ARG C 633 22.87 -27.73 19.97
C ARG C 633 23.39 -28.83 19.02
N LEU C 634 23.31 -28.59 17.69
CA LEU C 634 23.79 -29.53 16.66
C LEU C 634 25.33 -29.60 16.68
N LEU C 635 25.99 -28.47 16.99
CA LEU C 635 27.46 -28.40 17.09
C LEU C 635 27.96 -29.22 18.27
N ALA C 636 27.33 -29.06 19.44
CA ALA C 636 27.68 -29.76 20.68
C ALA C 636 27.36 -31.26 20.60
N HIS C 637 26.45 -31.65 19.68
CA HIS C 637 26.04 -33.04 19.46
C HIS C 637 27.14 -33.84 18.74
N SER C 638 27.15 -35.18 18.92
CA SER C 638 28.13 -36.10 18.32
C SER C 638 28.01 -36.21 16.78
N PHE C 639 26.88 -35.76 16.20
CA PHE C 639 26.62 -35.79 14.75
C PHE C 639 27.45 -34.74 13.99
N PHE C 640 27.98 -33.72 14.70
CA PHE C 640 28.80 -32.65 14.11
C PHE C 640 30.15 -33.18 13.60
N HIS C 641 30.69 -34.23 14.26
CA HIS C 641 31.95 -34.87 13.87
C HIS C 641 31.77 -35.62 12.53
N LYS C 642 30.56 -36.18 12.31
CA LYS C 642 30.20 -36.94 11.10
C LYS C 642 30.14 -36.05 9.86
N ILE C 643 29.75 -34.77 10.02
CA ILE C 643 29.64 -33.79 8.92
C ILE C 643 31.02 -33.47 8.31
N GLY C 644 32.07 -33.51 9.15
CA GLY C 644 33.44 -33.25 8.75
C GLY C 644 34.04 -34.29 7.81
N SER C 645 33.20 -35.21 7.31
CA SER C 645 33.59 -36.26 6.37
C SER C 645 32.60 -36.35 5.20
N LEU C 646 31.33 -36.01 5.44
CA LEU C 646 30.26 -36.02 4.42
C LEU C 646 30.49 -34.94 3.38
N GLU C 647 30.30 -35.28 2.08
CA GLU C 647 30.48 -34.32 0.98
C GLU C 647 29.29 -33.37 0.81
N ASN C 648 28.11 -33.76 1.33
CA ASN C 648 26.88 -32.97 1.27
C ASN C 648 26.92 -31.69 2.12
N ARG C 649 27.98 -31.53 2.97
CA ARG C 649 28.13 -30.36 3.86
C ARG C 649 28.03 -29.01 3.13
N LEU C 650 28.52 -28.92 1.89
CA LEU C 650 28.45 -27.69 1.10
C LEU C 650 27.01 -27.42 0.66
N ASP C 651 26.26 -28.47 0.31
CA ASP C 651 24.85 -28.39 -0.12
C ASP C 651 23.93 -28.14 1.08
N PHE C 652 24.32 -28.63 2.27
CA PHE C 652 23.56 -28.47 3.51
C PHE C 652 23.73 -27.05 4.07
N PHE C 653 24.99 -26.58 4.21
CA PHE C 653 25.28 -25.24 4.73
C PHE C 653 24.91 -24.13 3.75
N SER C 654 24.54 -24.49 2.52
CA SER C 654 24.09 -23.52 1.52
C SER C 654 22.65 -23.05 1.86
N LYS C 655 21.99 -23.77 2.80
CA LYS C 655 20.63 -23.46 3.25
C LYS C 655 20.52 -23.22 4.76
N THR C 656 21.47 -23.76 5.57
CA THR C 656 21.45 -23.62 7.03
C THR C 656 22.70 -22.92 7.60
N ILE C 657 23.20 -21.86 6.93
CA ILE C 657 24.38 -21.12 7.40
C ILE C 657 23.98 -19.93 8.29
N HIS C 658 22.82 -19.30 7.98
CA HIS C 658 22.29 -18.14 8.69
C HIS C 658 21.97 -18.39 10.18
N ILE C 659 21.82 -19.66 10.56
CA ILE C 659 21.47 -20.06 11.93
C ILE C 659 22.70 -20.28 12.84
N TYR C 660 23.84 -20.70 12.27
CA TYR C 660 25.06 -20.94 13.06
C TYR C 660 26.02 -19.74 13.04
N THR C 661 25.78 -18.76 12.14
CA THR C 661 26.60 -17.55 12.01
C THR C 661 26.26 -16.48 13.06
N LYS C 662 25.02 -16.50 13.59
CA LYS C 662 24.54 -15.54 14.59
C LYS C 662 25.20 -15.71 15.97
N THR C 663 25.70 -16.92 16.27
CA THR C 663 26.35 -17.22 17.55
C THR C 663 27.88 -17.11 17.46
N SER C 664 28.54 -16.94 18.62
CA SER C 664 30.00 -16.85 18.72
C SER C 664 30.65 -18.21 18.42
N GLN C 665 29.85 -19.30 18.53
CA GLN C 665 30.32 -20.67 18.26
C GLN C 665 30.66 -20.91 16.78
N ILE C 666 30.64 -19.84 15.96
CA ILE C 666 31.01 -19.86 14.54
C ILE C 666 32.52 -20.18 14.40
N GLN C 667 33.29 -19.98 15.48
CA GLN C 667 34.73 -20.25 15.50
C GLN C 667 35.01 -21.75 15.42
N LYS C 668 34.11 -22.59 15.98
CA LYS C 668 34.20 -24.05 15.96
C LYS C 668 33.94 -24.58 14.55
N ILE C 669 33.05 -23.91 13.81
CA ILE C 669 32.66 -24.28 12.44
C ILE C 669 33.63 -23.65 11.38
N GLY C 670 34.75 -23.12 11.85
CA GLY C 670 35.77 -22.45 11.03
C GLY C 670 36.30 -23.23 9.84
N PHE C 671 36.23 -24.58 9.88
CA PHE C 671 36.71 -25.42 8.78
C PHE C 671 35.80 -25.32 7.55
N VAL C 672 34.49 -25.06 7.78
CA VAL C 672 33.49 -24.91 6.71
C VAL C 672 33.82 -23.66 5.87
N PHE C 673 34.31 -22.57 6.52
CA PHE C 673 34.72 -21.35 5.82
C PHE C 673 35.91 -21.65 4.90
N ASP C 674 36.86 -22.47 5.39
CA ASP C 674 38.04 -22.88 4.63
C ASP C 674 37.61 -23.73 3.41
N ASP C 675 36.64 -24.66 3.64
CA ASP C 675 36.09 -25.53 2.59
C ASP C 675 35.20 -24.72 1.61
N ALA C 676 34.66 -23.58 2.06
CA ALA C 676 33.83 -22.68 1.25
C ALA C 676 34.74 -21.85 0.34
N LEU C 677 35.98 -21.58 0.78
CA LEU C 677 36.97 -20.83 0.01
C LEU C 677 37.55 -21.71 -1.08
N ARG C 678 37.49 -23.04 -0.89
CA ARG C 678 37.99 -24.03 -1.83
C ARG C 678 37.01 -24.21 -3.00
N GLU C 679 35.79 -24.73 -2.72
CA GLU C 679 34.76 -24.96 -3.75
C GLU C 679 34.14 -23.66 -4.28
N LYS C 680 34.51 -22.52 -3.68
CA LYS C 680 34.06 -21.18 -4.04
C LYS C 680 32.55 -21.09 -4.29
N ASN C 681 31.77 -21.43 -3.25
CA ASN C 681 30.32 -21.34 -3.30
C ASN C 681 29.88 -20.14 -2.46
N ILE C 682 29.66 -18.99 -3.14
CA ILE C 682 29.29 -17.69 -2.55
C ILE C 682 28.18 -17.78 -1.49
N THR C 683 27.15 -18.65 -1.71
CA THR C 683 26.02 -18.84 -0.79
C THR C 683 26.44 -19.14 0.65
N VAL C 684 27.54 -19.91 0.84
CA VAL C 684 28.08 -20.26 2.16
C VAL C 684 28.98 -19.14 2.67
N ILE C 685 29.87 -18.62 1.80
CA ILE C 685 30.84 -17.55 2.12
C ILE C 685 30.12 -16.28 2.60
N ASN C 686 28.98 -15.92 1.96
CA ASN C 686 28.18 -14.74 2.33
C ASN C 686 27.61 -14.83 3.75
N GLY C 687 27.55 -16.04 4.30
CA GLY C 687 27.07 -16.30 5.65
C GLY C 687 28.12 -15.93 6.69
N PHE C 688 29.40 -16.19 6.39
CA PHE C 688 30.53 -15.89 7.28
C PHE C 688 30.87 -14.40 7.28
N ARG C 690 29.11 -11.98 7.71
CA ARG C 690 28.33 -11.36 8.77
C ARG C 690 29.21 -11.23 10.03
N SER C 691 30.28 -12.07 10.12
CA SER C 691 31.24 -12.04 11.21
C SER C 691 32.53 -11.35 10.72
N LEU C 692 32.98 -10.32 11.47
CA LEU C 692 34.17 -9.54 11.12
C LEU C 692 35.46 -10.37 11.12
N GLU C 693 35.59 -11.35 12.04
CA GLU C 693 36.76 -12.23 12.15
C GLU C 693 36.96 -13.07 10.88
N PHE C 694 35.84 -13.60 10.31
CA PHE C 694 35.85 -14.39 9.09
C PHE C 694 35.92 -13.49 7.85
N ASN C 695 35.58 -12.20 8.01
CA ASN C 695 35.65 -11.21 6.94
C ASN C 695 37.11 -10.76 6.79
N GLU C 696 37.81 -10.56 7.93
CA GLU C 696 39.22 -10.16 7.99
C GLU C 696 40.11 -11.25 7.39
N LYS C 697 39.81 -12.54 7.68
CA LYS C 697 40.54 -13.69 7.15
C LYS C 697 40.37 -13.79 5.63
N PHE C 698 39.20 -13.36 5.11
CA PHE C 698 38.89 -13.36 3.68
C PHE C 698 39.66 -12.26 2.93
N VAL C 699 39.66 -11.02 3.48
CA VAL C 699 40.35 -9.85 2.89
C VAL C 699 41.85 -10.16 2.71
N ARG C 700 42.46 -10.83 3.70
CA ARG C 700 43.86 -11.22 3.69
C ARG C 700 44.15 -12.26 2.58
N LYS C 701 43.15 -13.07 2.22
CA LYS C 701 43.26 -14.07 1.15
C LYS C 701 43.00 -13.42 -0.22
N ALA C 702 42.02 -12.49 -0.28
CA ALA C 702 41.64 -11.78 -1.51
C ALA C 702 42.67 -10.74 -1.95
N LEU C 703 43.32 -10.04 -0.98
CA LEU C 703 44.33 -9.02 -1.28
C LEU C 703 45.62 -9.68 -1.79
N GLU C 704 45.96 -10.87 -1.26
CA GLU C 704 47.15 -11.63 -1.65
C GLU C 704 46.91 -12.25 -3.04
N ASP C 705 45.80 -12.99 -3.20
CA ASP C 705 45.41 -13.60 -4.46
C ASP C 705 44.06 -13.03 -4.90
N LEU C 706 44.10 -12.15 -5.91
CA LEU C 706 42.90 -11.50 -6.41
C LEU C 706 42.08 -12.44 -7.29
N ASP C 707 40.76 -12.48 -7.04
CA ASP C 707 39.81 -13.28 -7.81
C ASP C 707 38.62 -12.38 -8.10
N VAL C 708 38.74 -11.59 -9.19
CA VAL C 708 37.76 -10.60 -9.64
C VAL C 708 36.34 -11.18 -9.81
N GLU C 709 36.23 -12.34 -10.50
CA GLU C 709 34.94 -13.01 -10.75
C GLU C 709 34.23 -13.48 -9.45
N LEU C 710 34.99 -13.61 -8.35
CA LEU C 710 34.47 -14.01 -7.04
C LEU C 710 34.24 -12.78 -6.16
N LEU C 711 35.15 -11.78 -6.25
CA LEU C 711 35.11 -10.55 -5.47
C LEU C 711 33.79 -9.79 -5.58
N ASP C 712 33.29 -9.56 -6.81
CA ASP C 712 32.03 -8.83 -7.04
C ASP C 712 30.80 -9.47 -6.35
N ALA C 713 30.87 -10.78 -6.04
CA ALA C 713 29.80 -11.51 -5.39
C ALA C 713 29.98 -11.65 -3.85
N VAL C 714 31.21 -11.44 -3.34
CA VAL C 714 31.49 -11.58 -1.90
C VAL C 714 31.79 -10.22 -1.21
N LEU C 715 32.60 -9.36 -1.86
CA LEU C 715 33.04 -8.04 -1.36
C LEU C 715 31.92 -7.15 -0.84
N SER C 717 28.88 -8.08 -0.03
CA SER C 717 28.11 -8.80 0.99
C SER C 717 28.77 -8.61 2.35
N GLY C 718 30.09 -8.38 2.33
CA GLY C 718 30.87 -8.14 3.55
C GLY C 718 30.82 -6.68 3.95
N ASP C 719 31.78 -6.25 4.80
CA ASP C 719 31.83 -4.87 5.27
C ASP C 719 32.39 -3.94 4.21
N HIS C 720 31.92 -2.69 4.20
CA HIS C 720 32.34 -1.68 3.24
C HIS C 720 33.52 -0.85 3.77
N SER C 721 34.12 -1.33 4.87
CA SER C 721 35.28 -0.70 5.51
C SER C 721 36.57 -1.18 4.85
N PHE C 722 36.53 -2.38 4.22
CA PHE C 722 37.68 -3.01 3.53
C PHE C 722 37.71 -2.70 2.04
N ASN C 723 36.69 -1.97 1.53
CA ASN C 723 36.58 -1.58 0.13
C ASN C 723 37.72 -0.65 -0.36
N PRO C 724 38.24 0.34 0.44
CA PRO C 724 39.34 1.20 -0.07
C PRO C 724 40.67 0.47 -0.31
N LEU C 725 40.81 -0.75 0.24
CA LEU C 725 42.02 -1.58 0.09
C LEU C 725 42.10 -2.14 -1.34
N PHE C 726 40.94 -2.31 -2.00
CA PHE C 726 40.84 -2.87 -3.35
C PHE C 726 40.85 -1.82 -4.48
N VAL C 727 40.85 -0.51 -4.14
CA VAL C 727 40.86 0.58 -5.12
C VAL C 727 42.15 0.57 -5.96
N LYS C 728 43.32 0.50 -5.30
CA LYS C 728 44.62 0.49 -5.98
C LYS C 728 44.86 -0.79 -6.84
N PRO C 729 44.63 -2.04 -6.34
CA PRO C 729 44.87 -3.22 -7.20
C PRO C 729 43.90 -3.37 -8.37
N LEU C 730 42.69 -2.78 -8.28
CA LEU C 730 41.71 -2.84 -9.36
C LEU C 730 42.04 -1.92 -10.52
N LEU C 731 42.63 -0.74 -10.24
CA LEU C 731 43.04 0.22 -11.27
C LEU C 731 44.24 -0.34 -12.04
N ARG C 732 45.07 -1.15 -11.36
CA ARG C 732 46.25 -1.81 -11.93
C ARG C 732 45.80 -2.83 -13.00
N ASN C 733 44.69 -3.53 -12.74
CA ASN C 733 44.13 -4.53 -13.67
C ASN C 733 43.53 -3.87 -14.92
N ILE C 734 42.76 -2.78 -14.75
CA ILE C 734 42.10 -2.07 -15.85
C ILE C 734 43.13 -1.43 -16.80
N SER C 735 44.20 -0.83 -16.25
CA SER C 735 45.26 -0.21 -17.05
C SER C 735 46.10 -1.27 -17.77
N GLY C 736 46.20 -2.45 -17.17
CA GLY C 736 46.95 -3.58 -17.73
C GLY C 736 46.11 -4.57 -18.50
N ASN C 737 44.82 -4.23 -18.75
CA ASN C 737 43.84 -5.04 -19.48
C ASN C 737 43.62 -6.48 -18.91
N ILE C 738 43.87 -6.65 -17.59
CA ILE C 738 43.69 -7.94 -16.90
C ILE C 738 42.22 -7.98 -16.40
N ASP C 739 41.36 -8.77 -17.09
CA ASP C 739 39.91 -8.90 -16.79
C ASP C 739 39.23 -7.53 -16.76
N ARG C 740 39.57 -6.63 -17.71
CA ARG C 740 39.05 -5.26 -17.80
C ARG C 740 37.51 -5.17 -17.61
N GLU C 741 36.74 -6.02 -18.32
CA GLU C 741 35.27 -6.04 -18.24
C GLU C 741 34.77 -6.28 -16.80
N ALA C 742 35.31 -7.32 -16.14
CA ALA C 742 34.96 -7.72 -14.78
C ALA C 742 35.57 -6.81 -13.70
N SER C 743 36.85 -6.42 -13.84
CA SER C 743 37.54 -5.55 -12.88
C SER C 743 37.02 -4.12 -12.88
N SER C 744 36.35 -3.71 -13.98
CA SER C 744 35.74 -2.38 -14.08
C SER C 744 34.35 -2.44 -13.45
N LYS C 745 33.66 -3.59 -13.59
CA LYS C 745 32.32 -3.81 -13.03
C LYS C 745 32.38 -3.88 -11.49
N VAL C 746 33.44 -4.52 -10.94
CA VAL C 746 33.62 -4.65 -9.49
C VAL C 746 34.07 -3.30 -8.87
N LEU C 747 34.90 -2.51 -9.60
CA LEU C 747 35.35 -1.21 -9.10
C LEU C 747 34.16 -0.23 -9.10
N SER C 748 33.20 -0.44 -10.05
CA SER C 748 31.98 0.35 -10.18
C SER C 748 31.08 0.20 -8.93
N LYS C 749 31.30 -0.84 -8.12
CA LYS C 749 30.57 -1.10 -6.88
C LYS C 749 31.29 -0.41 -5.71
N VAL C 750 32.63 -0.33 -5.78
CA VAL C 750 33.51 0.23 -4.74
C VAL C 750 33.46 1.78 -4.67
N ILE C 751 33.58 2.44 -5.84
CA ILE C 751 33.58 3.91 -5.97
C ILE C 751 32.41 4.57 -5.18
N PRO C 752 31.12 4.14 -5.32
CA PRO C 752 30.05 4.78 -4.52
C PRO C 752 30.17 4.53 -3.02
N THR C 753 30.71 3.35 -2.62
CA THR C 753 30.87 2.97 -1.21
C THR C 753 32.28 3.29 -0.66
N LEU C 754 32.94 4.32 -1.23
CA LEU C 754 34.27 4.75 -0.83
C LEU C 754 34.20 5.68 0.40
N GLY C 755 33.20 6.58 0.42
CA GLY C 755 32.99 7.52 1.51
C GLY C 755 32.41 6.92 2.77
N PHE C 756 32.37 5.57 2.85
CA PHE C 756 31.86 4.81 3.99
C PHE C 756 32.78 4.97 5.21
N SER C 757 32.18 5.15 6.42
CA SER C 757 32.91 5.32 7.69
C SER C 757 33.64 4.05 8.11
N THR C 758 34.96 4.15 8.34
CA THR C 758 35.82 3.02 8.74
C THR C 758 35.44 2.48 10.13
N ASN C 759 35.21 1.15 10.20
CA ASN C 759 34.85 0.44 11.43
C ASN C 759 36.09 0.33 12.33
N THR C 760 35.99 0.81 13.58
CA THR C 760 37.10 0.80 14.54
C THR C 760 37.34 -0.59 15.16
N LYS C 761 36.38 -1.52 15.00
CA LYS C 761 36.44 -2.89 15.54
C LYS C 761 37.47 -3.79 14.84
N ILE C 762 37.95 -3.36 13.64
CA ILE C 762 38.93 -4.08 12.82
C ILE C 762 40.31 -4.14 13.50
N SER C 763 41.02 -5.29 13.35
CA SER C 763 42.36 -5.53 13.89
C SER C 763 43.37 -4.54 13.30
N LYS C 764 44.31 -4.05 14.15
CA LYS C 764 45.36 -3.10 13.76
C LYS C 764 46.20 -3.55 12.55
N ASP C 765 46.14 -4.85 12.21
CA ASP C 765 46.82 -5.42 11.05
C ASP C 765 46.22 -4.87 9.75
N LEU C 766 44.88 -4.82 9.67
CA LEU C 766 44.16 -4.32 8.50
C LEU C 766 43.66 -2.88 8.69
N LEU C 767 43.36 -2.49 9.95
CA LEU C 767 42.87 -1.15 10.30
C LEU C 767 43.90 -0.07 9.95
N GLU C 768 45.20 -0.35 10.17
CA GLU C 768 46.28 0.59 9.84
C GLU C 768 46.46 0.70 8.33
N ILE C 770 44.00 0.36 6.03
CA ILE C 770 42.86 1.16 5.57
C ILE C 770 43.17 2.66 5.76
N GLU C 771 43.71 3.04 6.94
CA GLU C 771 44.08 4.43 7.26
C GLU C 771 45.19 4.93 6.33
N ARG C 772 46.14 4.05 5.96
CA ARG C 772 47.25 4.37 5.05
C ARG C 772 46.78 4.50 3.60
N GLU C 773 45.80 3.67 3.19
CA GLU C 773 45.25 3.69 1.83
C GLU C 773 44.28 4.85 1.59
N LYS C 774 43.38 5.14 2.57
CA LYS C 774 42.40 6.24 2.47
C LYS C 774 43.08 7.61 2.46
N LYS C 775 44.21 7.75 3.18
CA LYS C 775 44.99 9.00 3.24
C LYS C 775 45.69 9.23 1.88
N SER C 776 46.07 8.13 1.19
CA SER C 776 46.72 8.16 -0.12
C SER C 776 45.74 8.63 -1.19
N LEU C 777 44.49 8.12 -1.15
CA LEU C 777 43.43 8.48 -2.09
C LEU C 777 42.89 9.89 -1.82
N GLU C 778 43.15 10.43 -0.61
CA GLU C 778 42.72 11.76 -0.15
C GLU C 778 43.60 12.89 -0.74
N SER C 779 44.74 12.53 -1.38
CA SER C 779 45.71 13.48 -1.98
C SER C 779 45.08 14.44 -2.99
N LEU C 780 44.15 13.95 -3.85
CA LEU C 780 43.42 14.71 -4.87
C LEU C 780 44.34 15.51 -5.82
N SER D 21 -19.58 -27.90 -2.13
CA SER D 21 -18.82 -28.64 -3.14
C SER D 21 -17.78 -27.75 -3.83
N GLY D 22 -16.55 -28.26 -3.92
CA GLY D 22 -15.42 -27.57 -4.54
C GLY D 22 -14.92 -26.41 -3.71
N ILE D 23 -14.45 -25.34 -4.39
CA ILE D 23 -13.93 -24.13 -3.73
C ILE D 23 -14.99 -23.00 -3.74
N ILE D 24 -14.78 -21.95 -2.92
CA ILE D 24 -15.72 -20.83 -2.77
C ILE D 24 -15.25 -19.56 -3.55
N PRO D 25 -16.14 -18.93 -4.38
CA PRO D 25 -15.72 -17.71 -5.12
C PRO D 25 -15.44 -16.52 -4.21
N THR D 26 -14.33 -15.82 -4.48
CA THR D 26 -13.91 -14.66 -3.69
C THR D 26 -14.26 -13.36 -4.43
N LEU D 27 -14.96 -12.43 -3.74
CA LEU D 27 -15.41 -11.15 -4.31
C LEU D 27 -14.40 -10.01 -4.16
N GLN D 28 -14.36 -9.08 -5.14
CA GLN D 28 -13.43 -7.94 -5.16
C GLN D 28 -14.10 -6.56 -5.24
N ASN D 29 -15.33 -6.47 -5.79
CA ASN D 29 -15.99 -5.16 -5.91
C ASN D 29 -17.44 -5.17 -5.41
N VAL D 30 -17.84 -4.10 -4.70
CA VAL D 30 -19.19 -3.91 -4.14
C VAL D 30 -19.71 -2.50 -4.47
N VAL D 31 -20.85 -2.43 -5.20
CA VAL D 31 -21.49 -1.16 -5.60
C VAL D 31 -22.74 -0.94 -4.73
N ALA D 32 -22.89 0.26 -4.14
CA ALA D 32 -24.01 0.58 -3.26
C ALA D 32 -24.68 1.94 -3.56
N THR D 33 -25.94 2.10 -3.09
CA THR D 33 -26.74 3.31 -3.27
C THR D 33 -27.21 3.85 -1.92
N VAL D 34 -27.00 5.15 -1.66
CA VAL D 34 -27.40 5.80 -0.42
C VAL D 34 -28.17 7.08 -0.74
N ASN D 35 -29.30 7.30 -0.05
CA ASN D 35 -30.12 8.50 -0.23
C ASN D 35 -29.90 9.46 0.94
N LEU D 36 -29.60 10.73 0.63
CA LEU D 36 -29.35 11.77 1.64
C LEU D 36 -30.49 12.80 1.71
N SER D 37 -31.41 12.78 0.71
CA SER D 37 -32.59 13.65 0.59
C SER D 37 -32.32 15.12 0.94
N CYS D 38 -31.27 15.71 0.35
CA CYS D 38 -30.88 17.09 0.59
C CYS D 38 -30.20 17.71 -0.63
N LYS D 39 -30.62 18.92 -1.02
CA LYS D 39 -30.04 19.63 -2.16
C LYS D 39 -28.57 19.96 -1.85
N LEU D 40 -27.65 19.26 -2.51
CA LEU D 40 -26.22 19.42 -2.29
C LEU D 40 -25.58 20.41 -3.26
N ASP D 41 -24.71 21.29 -2.74
CA ASP D 41 -24.00 22.26 -3.56
C ASP D 41 -22.72 21.58 -4.07
N LEU D 42 -22.74 21.15 -5.34
CA LEU D 42 -21.63 20.45 -5.98
C LEU D 42 -20.35 21.29 -6.01
N LYS D 43 -20.48 22.61 -6.29
CA LYS D 43 -19.35 23.54 -6.37
C LYS D 43 -18.69 23.76 -5.00
N ASN D 44 -19.50 23.95 -3.93
CA ASN D 44 -19.00 24.19 -2.57
C ASN D 44 -18.20 23.00 -2.04
N ILE D 45 -18.73 21.78 -2.18
CA ILE D 45 -18.08 20.54 -1.73
C ILE D 45 -16.76 20.33 -2.49
N ALA D 46 -16.78 20.53 -3.83
CA ALA D 46 -15.59 20.39 -4.69
C ALA D 46 -14.51 21.43 -4.37
N LEU D 47 -14.92 22.66 -4.00
CA LEU D 47 -14.00 23.74 -3.66
C LEU D 47 -13.45 23.63 -2.24
N ARG D 48 -14.15 22.90 -1.33
CA ARG D 48 -13.72 22.73 0.05
C ARG D 48 -12.86 21.49 0.31
N ALA D 49 -13.10 20.40 -0.46
CA ALA D 49 -12.36 19.15 -0.29
C ALA D 49 -11.21 18.99 -1.28
N ARG D 50 -10.08 18.42 -0.82
CA ARG D 50 -8.88 18.17 -1.63
C ARG D 50 -8.98 16.84 -2.37
N ASN D 51 -9.61 15.84 -1.73
CA ASN D 51 -9.78 14.49 -2.28
C ASN D 51 -11.01 14.35 -3.19
N ALA D 52 -11.65 15.47 -3.56
CA ALA D 52 -12.83 15.47 -4.43
C ALA D 52 -12.59 16.19 -5.76
N GLU D 53 -12.85 15.48 -6.89
CA GLU D 53 -12.71 16.06 -8.23
C GLU D 53 -14.08 16.34 -8.86
N TYR D 54 -14.16 17.36 -9.73
CA TYR D 54 -15.42 17.76 -10.39
C TYR D 54 -15.15 18.47 -11.72
N ASN D 55 -16.04 18.25 -12.70
CA ASN D 55 -16.01 18.86 -14.03
C ASN D 55 -17.45 18.82 -14.56
N PRO D 56 -18.18 19.97 -14.52
CA PRO D 56 -19.60 19.95 -14.95
C PRO D 56 -19.87 19.48 -16.36
N LYS D 57 -19.03 19.87 -17.34
CA LYS D 57 -19.17 19.46 -18.75
C LYS D 57 -18.95 17.96 -18.93
N ARG D 58 -17.91 17.41 -18.29
CA ARG D 58 -17.54 16.00 -18.35
C ARG D 58 -18.54 15.12 -17.56
N PHE D 59 -18.91 15.54 -16.33
CA PHE D 59 -19.83 14.77 -15.48
C PHE D 59 -20.64 15.68 -14.53
N ALA D 60 -21.86 15.25 -14.19
CA ALA D 60 -22.77 16.00 -13.31
C ALA D 60 -22.63 15.67 -11.80
N ALA D 61 -21.54 14.99 -11.40
CA ALA D 61 -21.32 14.64 -10.00
C ALA D 61 -19.90 14.89 -9.52
N VAL D 62 -19.72 15.02 -8.19
CA VAL D 62 -18.42 15.20 -7.53
C VAL D 62 -17.86 13.82 -7.17
N ILE D 63 -16.64 13.53 -7.61
CA ILE D 63 -16.00 12.23 -7.37
C ILE D 63 -15.02 12.33 -6.19
N ARG D 65 -12.69 10.37 -3.05
CA ARG D 65 -11.97 9.11 -2.77
C ARG D 65 -11.47 8.99 -1.32
N ILE D 66 -11.46 7.75 -0.79
CA ILE D 66 -11.01 7.43 0.57
C ILE D 66 -9.80 6.49 0.52
N ARG D 67 -8.81 6.72 1.41
CA ARG D 67 -7.59 5.92 1.50
C ARG D 67 -7.85 4.62 2.26
N GLU D 68 -8.56 4.69 3.40
CA GLU D 68 -8.88 3.52 4.24
C GLU D 68 -10.41 3.43 4.51
N PRO D 69 -11.16 2.55 3.81
CA PRO D 69 -10.74 1.65 2.73
C PRO D 69 -10.77 2.33 1.36
N LYS D 70 -10.03 1.77 0.37
CA LYS D 70 -9.96 2.33 -0.98
C LYS D 70 -11.30 2.29 -1.70
N THR D 71 -12.09 3.36 -1.50
CA THR D 71 -13.42 3.52 -2.05
C THR D 71 -13.54 4.84 -2.80
N THR D 72 -14.41 4.89 -3.82
CA THR D 72 -14.66 6.05 -4.65
C THR D 72 -16.17 6.24 -4.75
N ALA D 73 -16.70 7.36 -4.22
CA ALA D 73 -18.13 7.63 -4.26
C ALA D 73 -18.51 8.79 -5.16
N LEU D 74 -19.56 8.60 -5.97
CA LEU D 74 -20.09 9.60 -6.90
C LEU D 74 -21.21 10.37 -6.18
N ILE D 75 -20.91 11.63 -5.80
CA ILE D 75 -21.85 12.50 -5.08
C ILE D 75 -22.60 13.41 -6.07
N PHE D 76 -23.85 13.07 -6.37
CA PHE D 76 -24.71 13.83 -7.29
C PHE D 76 -25.52 14.86 -6.51
N ALA D 77 -26.22 15.76 -7.23
CA ALA D 77 -27.07 16.77 -6.61
C ALA D 77 -28.35 16.11 -6.06
N SER D 78 -29.10 16.85 -5.20
CA SER D 78 -30.36 16.43 -4.55
C SER D 78 -30.20 15.21 -3.58
N GLY D 79 -28.99 15.01 -3.07
CA GLY D 79 -28.66 13.96 -2.12
C GLY D 79 -28.77 12.54 -2.62
N LYS D 80 -28.04 12.23 -3.71
CA LYS D 80 -28.00 10.88 -4.27
C LYS D 80 -26.55 10.47 -4.42
N VAL D 82 -23.52 7.17 -4.91
CA VAL D 82 -23.17 5.82 -5.40
C VAL D 82 -21.74 5.48 -4.93
N ILE D 83 -21.62 4.59 -3.93
CA ILE D 83 -20.33 4.16 -3.36
C ILE D 83 -19.81 2.93 -4.12
N THR D 84 -18.58 3.03 -4.66
CA THR D 84 -17.96 1.97 -5.46
C THR D 84 -16.50 1.75 -5.05
N GLY D 85 -16.00 0.53 -5.24
CA GLY D 85 -14.61 0.19 -4.96
C GLY D 85 -14.34 -0.64 -3.72
N ALA D 86 -15.38 -0.87 -2.88
CA ALA D 86 -15.23 -1.65 -1.66
C ALA D 86 -15.14 -3.14 -1.95
N LYS D 87 -14.28 -3.86 -1.20
CA LYS D 87 -14.12 -5.31 -1.40
C LYS D 87 -15.20 -6.13 -0.69
N SER D 88 -15.43 -5.87 0.62
CA SER D 88 -16.44 -6.59 1.40
C SER D 88 -17.72 -5.77 1.62
N GLU D 89 -18.82 -6.45 1.98
CA GLU D 89 -20.14 -5.87 2.19
C GLU D 89 -20.20 -4.85 3.33
N LYS D 90 -19.68 -5.22 4.53
CA LYS D 90 -19.64 -4.33 5.70
C LYS D 90 -18.81 -3.09 5.38
N SER D 91 -17.71 -3.26 4.62
CA SER D 91 -16.81 -2.18 4.20
C SER D 91 -17.54 -1.16 3.35
N SER D 92 -18.52 -1.60 2.53
CA SER D 92 -19.30 -0.72 1.67
C SER D 92 -20.23 0.18 2.48
N ARG D 93 -20.79 -0.35 3.58
CA ARG D 93 -21.67 0.42 4.45
C ARG D 93 -20.83 1.35 5.34
N ALA D 95 -17.94 2.64 4.58
CA ALA D 95 -17.43 3.71 3.73
C ALA D 95 -18.52 4.75 3.51
N ALA D 96 -19.77 4.28 3.23
CA ALA D 96 -20.94 5.13 3.01
C ALA D 96 -21.20 6.04 4.20
N GLN D 97 -21.10 5.49 5.42
CA GLN D 97 -21.29 6.21 6.67
C GLN D 97 -20.17 7.24 6.91
N ARG D 98 -18.95 6.96 6.38
CA ARG D 98 -17.80 7.88 6.48
C ARG D 98 -18.03 9.05 5.50
N TYR D 99 -18.53 8.75 4.27
CA TYR D 99 -18.83 9.77 3.24
C TYR D 99 -19.94 10.71 3.70
N ALA D 100 -20.93 10.17 4.46
CA ALA D 100 -22.04 10.95 5.00
C ALA D 100 -21.55 11.92 6.06
N LYS D 101 -20.54 11.49 6.86
CA LYS D 101 -19.93 12.29 7.93
C LYS D 101 -19.16 13.49 7.33
N ILE D 102 -18.54 13.29 6.15
CA ILE D 102 -17.80 14.33 5.43
C ILE D 102 -18.75 15.44 4.95
N ILE D 103 -19.87 15.06 4.30
CA ILE D 103 -20.90 15.98 3.80
C ILE D 103 -21.50 16.78 4.96
N HIS D 104 -21.75 16.11 6.11
CA HIS D 104 -22.29 16.76 7.31
C HIS D 104 -21.28 17.74 7.92
N LYS D 105 -19.96 17.44 7.78
CA LYS D 105 -18.89 18.30 8.27
C LYS D 105 -18.71 19.56 7.43
N LEU D 106 -19.42 19.66 6.29
CA LEU D 106 -19.33 20.83 5.40
C LEU D 106 -20.45 21.86 5.65
N GLY D 107 -21.43 21.49 6.48
CA GLY D 107 -22.56 22.36 6.83
C GLY D 107 -23.91 21.87 6.33
N PHE D 108 -23.90 20.86 5.45
CA PHE D 108 -25.12 20.27 4.86
C PHE D 108 -25.76 19.28 5.83
N ASN D 109 -27.10 19.27 5.90
CA ASN D 109 -27.82 18.34 6.77
C ASN D 109 -27.86 16.96 6.10
N ALA D 110 -26.96 16.06 6.53
CA ALA D 110 -26.85 14.71 5.99
C ALA D 110 -27.73 13.72 6.74
N THR D 111 -28.44 12.87 5.99
CA THR D 111 -29.32 11.85 6.55
C THR D 111 -29.10 10.51 5.84
N PHE D 112 -28.90 9.44 6.62
CA PHE D 112 -28.68 8.10 6.07
C PHE D 112 -30.03 7.39 5.95
N ASP D 113 -30.84 7.79 4.96
CA ASP D 113 -32.20 7.26 4.72
C ASP D 113 -32.22 5.78 4.37
N ASP D 114 -31.54 5.36 3.28
CA ASP D 114 -31.51 3.96 2.87
C ASP D 114 -30.17 3.53 2.29
N PHE D 115 -29.88 2.23 2.39
CA PHE D 115 -28.66 1.63 1.87
C PHE D 115 -29.03 0.38 1.11
N LYS D 116 -28.68 0.32 -0.18
CA LYS D 116 -29.01 -0.83 -1.02
C LYS D 116 -27.78 -1.30 -1.80
N ILE D 117 -27.38 -2.57 -1.62
CA ILE D 117 -26.24 -3.16 -2.34
C ILE D 117 -26.75 -3.48 -3.73
N GLN D 118 -26.25 -2.77 -4.75
CA GLN D 118 -26.72 -2.95 -6.12
C GLN D 118 -25.92 -3.98 -6.93
N ASN D 119 -24.58 -4.01 -6.78
CA ASN D 119 -23.76 -4.96 -7.54
C ASN D 119 -22.64 -5.57 -6.70
N ILE D 120 -22.43 -6.90 -6.86
CA ILE D 120 -21.39 -7.68 -6.19
C ILE D 120 -20.57 -8.44 -7.24
N VAL D 121 -19.37 -7.94 -7.55
CA VAL D 121 -18.48 -8.55 -8.53
C VAL D 121 -17.57 -9.57 -7.82
N SER D 122 -17.58 -10.83 -8.31
CA SER D 122 -16.79 -11.91 -7.74
C SER D 122 -15.91 -12.61 -8.77
N SER D 123 -14.75 -13.15 -8.34
CA SER D 123 -13.82 -13.88 -9.20
C SER D 123 -13.54 -15.27 -8.63
N CYS D 124 -13.68 -16.31 -9.47
CA CYS D 124 -13.46 -17.69 -9.06
C CYS D 124 -12.52 -18.43 -10.02
N ASP D 125 -11.53 -19.15 -9.46
CA ASP D 125 -10.54 -19.89 -10.24
C ASP D 125 -10.76 -21.41 -10.16
N ILE D 126 -10.96 -22.04 -11.32
CA ILE D 126 -11.11 -23.49 -11.41
C ILE D 126 -9.90 -24.06 -12.18
N LYS D 127 -9.21 -25.05 -11.59
CA LYS D 127 -7.98 -25.65 -12.13
C LYS D 127 -8.09 -26.23 -13.55
N PHE D 128 -9.26 -26.75 -13.94
CA PHE D 128 -9.44 -27.34 -15.26
C PHE D 128 -9.84 -26.30 -16.32
N SER D 129 -9.32 -26.48 -17.56
CA SER D 129 -9.59 -25.59 -18.69
C SER D 129 -10.98 -25.84 -19.29
N ILE D 130 -11.57 -24.81 -19.94
CA ILE D 130 -12.92 -24.88 -20.54
C ILE D 130 -12.89 -24.68 -22.05
N ARG D 131 -13.66 -25.50 -22.80
CA ARG D 131 -13.79 -25.35 -24.26
C ARG D 131 -15.11 -24.61 -24.54
N LEU D 132 -15.01 -23.27 -24.69
CA LEU D 132 -16.13 -22.36 -24.89
C LEU D 132 -16.97 -22.63 -26.15
N GLU D 133 -16.41 -23.38 -27.12
CA GLU D 133 -17.10 -23.76 -28.36
C GLU D 133 -18.28 -24.70 -28.08
N GLY D 134 -18.13 -25.55 -27.05
CA GLY D 134 -19.15 -26.50 -26.63
C GLY D 134 -20.23 -25.90 -25.78
N LEU D 135 -19.86 -25.04 -24.80
CA LEU D 135 -20.80 -24.40 -23.88
C LEU D 135 -21.71 -23.41 -24.62
N ALA D 136 -21.17 -22.70 -25.63
CA ALA D 136 -21.92 -21.75 -26.44
C ALA D 136 -22.93 -22.47 -27.34
N TYR D 137 -22.65 -23.75 -27.66
CA TYR D 137 -23.54 -24.58 -28.48
C TYR D 137 -24.79 -25.02 -27.70
N ALA D 138 -24.59 -25.54 -26.45
CA ALA D 138 -25.68 -26.00 -25.57
C ALA D 138 -26.55 -24.82 -25.11
N HIS D 139 -25.92 -23.69 -24.77
CA HIS D 139 -26.59 -22.47 -24.35
C HIS D 139 -26.51 -21.45 -25.49
N SER D 140 -27.08 -21.80 -26.65
CA SER D 140 -27.06 -20.96 -27.86
C SER D 140 -27.80 -19.63 -27.67
N ASN D 141 -28.93 -19.66 -26.93
CA ASN D 141 -29.75 -18.48 -26.66
C ASN D 141 -29.36 -17.74 -25.36
N TYR D 142 -28.51 -18.39 -24.52
CA TYR D 142 -28.04 -17.81 -23.25
C TYR D 142 -26.64 -17.16 -23.41
N CYS D 143 -25.80 -17.72 -24.32
CA CYS D 143 -24.43 -17.24 -24.56
C CYS D 143 -24.24 -16.60 -25.92
N SER D 144 -23.34 -15.60 -25.99
CA SER D 144 -22.94 -14.91 -27.21
C SER D 144 -21.41 -14.83 -27.19
N TYR D 145 -20.76 -15.84 -27.81
CA TYR D 145 -19.31 -15.95 -27.83
C TYR D 145 -18.68 -15.56 -29.17
N GLU D 146 -17.66 -14.69 -29.11
CA GLU D 146 -16.88 -14.25 -30.27
C GLU D 146 -15.39 -14.51 -29.99
N PRO D 147 -14.63 -15.01 -30.98
CA PRO D 147 -13.21 -15.34 -30.71
C PRO D 147 -12.27 -14.16 -30.51
N GLU D 148 -12.31 -13.16 -31.42
CA GLU D 148 -11.42 -12.00 -31.33
C GLU D 148 -12.07 -10.72 -30.79
N LEU D 149 -13.42 -10.64 -30.79
CA LEU D 149 -14.13 -9.46 -30.28
C LEU D 149 -13.82 -9.26 -28.80
N PHE D 150 -13.95 -10.33 -28.00
CA PHE D 150 -13.64 -10.33 -26.57
C PHE D 150 -13.36 -11.76 -26.11
N PRO D 151 -12.22 -12.01 -25.42
CA PRO D 151 -11.95 -13.37 -24.94
C PRO D 151 -12.95 -13.76 -23.86
N GLY D 152 -13.77 -14.77 -24.14
CA GLY D 152 -14.79 -15.25 -23.22
C GLY D 152 -16.21 -15.01 -23.68
N LEU D 153 -17.14 -15.85 -23.20
CA LEU D 153 -18.57 -15.74 -23.53
C LEU D 153 -19.37 -14.97 -22.49
N ILE D 154 -20.56 -14.46 -22.87
CA ILE D 154 -21.43 -13.71 -21.97
C ILE D 154 -22.61 -14.61 -21.49
N TYR D 155 -22.38 -15.37 -20.41
CA TYR D 155 -23.41 -16.25 -19.85
C TYR D 155 -24.44 -15.43 -19.08
N ARG D 156 -25.73 -15.67 -19.34
CA ARG D 156 -26.81 -14.95 -18.68
C ARG D 156 -27.76 -15.92 -17.96
N VAL D 158 -30.99 -16.44 -15.90
CA VAL D 158 -32.27 -15.73 -15.70
C VAL D 158 -32.62 -15.58 -14.20
N LYS D 159 -32.63 -16.70 -13.43
CA LYS D 159 -32.89 -16.64 -12.01
C LYS D 159 -32.04 -17.67 -11.25
N PRO D 160 -31.12 -17.20 -10.34
CA PRO D 160 -30.85 -15.80 -9.95
C PRO D 160 -30.35 -14.94 -11.11
N LYS D 161 -30.79 -13.65 -11.15
CA LYS D 161 -30.41 -12.69 -12.20
C LYS D 161 -28.91 -12.35 -12.09
N ILE D 162 -28.05 -13.22 -12.67
CA ILE D 162 -26.60 -13.06 -12.61
C ILE D 162 -25.98 -13.28 -13.99
N VAL D 163 -25.14 -12.33 -14.44
CA VAL D 163 -24.44 -12.43 -15.72
C VAL D 163 -22.98 -12.84 -15.47
N LEU D 164 -22.62 -14.06 -15.91
CA LEU D 164 -21.30 -14.64 -15.70
C LEU D 164 -20.41 -14.51 -16.93
N LEU D 165 -19.10 -14.34 -16.71
CA LEU D 165 -18.11 -14.25 -17.80
C LEU D 165 -17.13 -15.41 -17.64
N ILE D 166 -17.24 -16.41 -18.52
CA ILE D 166 -16.40 -17.62 -18.49
C ILE D 166 -15.22 -17.47 -19.47
N PHE D 167 -14.01 -17.82 -19.01
CA PHE D 167 -12.78 -17.72 -19.82
C PHE D 167 -12.18 -19.12 -20.08
N VAL D 168 -11.35 -19.24 -21.14
CA VAL D 168 -10.71 -20.50 -21.55
C VAL D 168 -9.73 -21.02 -20.47
N SER D 169 -8.92 -20.12 -19.88
CA SER D 169 -7.92 -20.43 -18.85
C SER D 169 -8.50 -21.14 -17.62
N GLY D 170 -9.64 -20.65 -17.13
CA GLY D 170 -10.31 -21.21 -15.97
C GLY D 170 -10.95 -20.18 -15.06
N LYS D 171 -10.30 -19.01 -14.90
CA LYS D 171 -10.81 -17.93 -14.05
C LYS D 171 -12.11 -17.34 -14.61
N ILE D 172 -13.17 -17.33 -13.78
CA ILE D 172 -14.50 -16.80 -14.16
C ILE D 172 -14.89 -15.62 -13.25
N VAL D 173 -15.76 -14.73 -13.76
CA VAL D 173 -16.23 -13.58 -12.98
C VAL D 173 -17.76 -13.50 -12.96
N LEU D 174 -18.33 -13.32 -11.75
CA LEU D 174 -19.76 -13.25 -11.50
C LEU D 174 -20.17 -11.83 -11.13
N THR D 175 -21.10 -11.23 -11.89
CA THR D 175 -21.56 -9.87 -11.64
C THR D 175 -23.06 -9.68 -11.91
N GLY D 176 -23.71 -8.85 -11.11
CA GLY D 176 -25.13 -8.55 -11.24
C GLY D 176 -25.99 -8.91 -10.04
N ALA D 177 -25.44 -9.70 -9.10
CA ALA D 177 -26.16 -10.14 -7.90
C ALA D 177 -26.30 -9.03 -6.89
N LYS D 178 -27.53 -8.86 -6.34
CA LYS D 178 -27.84 -7.84 -5.34
C LYS D 178 -27.69 -8.40 -3.91
N VAL D 179 -27.74 -9.75 -3.78
CA VAL D 179 -27.59 -10.46 -2.50
C VAL D 179 -26.30 -11.29 -2.56
N ARG D 180 -25.59 -11.45 -1.42
CA ARG D 180 -24.35 -12.23 -1.39
C ARG D 180 -24.56 -13.72 -1.64
N ASP D 181 -25.65 -14.30 -1.07
CA ASP D 181 -25.98 -15.71 -1.21
C ASP D 181 -26.37 -16.12 -2.64
N ASP D 182 -26.55 -15.13 -3.54
CA ASP D 182 -26.90 -15.36 -4.93
C ASP D 182 -25.71 -15.91 -5.73
N ILE D 183 -24.50 -15.33 -5.54
CA ILE D 183 -23.29 -15.79 -6.24
C ILE D 183 -22.88 -17.21 -5.83
N TYR D 184 -23.14 -17.58 -4.56
CA TYR D 184 -22.82 -18.90 -4.05
C TYR D 184 -23.78 -19.94 -4.63
N GLN D 185 -25.07 -19.57 -4.80
CA GLN D 185 -26.10 -20.43 -5.39
C GLN D 185 -25.88 -20.57 -6.90
N ALA D 186 -25.41 -19.49 -7.56
CA ALA D 186 -25.13 -19.45 -9.01
C ALA D 186 -23.91 -20.29 -9.36
N PHE D 187 -22.89 -20.29 -8.49
CA PHE D 187 -21.67 -21.07 -8.71
C PHE D 187 -21.96 -22.57 -8.63
N ASN D 188 -22.79 -22.99 -7.66
CA ASN D 188 -23.18 -24.39 -7.45
C ASN D 188 -24.04 -24.94 -8.60
N ASN D 189 -24.64 -24.02 -9.40
CA ASN D 189 -25.45 -24.38 -10.56
C ASN D 189 -24.60 -24.39 -11.84
N ILE D 190 -23.62 -23.45 -11.94
CA ILE D 190 -22.75 -23.33 -13.10
C ILE D 190 -21.55 -24.32 -13.08
N TYR D 191 -21.10 -24.76 -11.88
CA TYR D 191 -19.98 -25.70 -11.75
C TYR D 191 -20.22 -27.04 -12.48
N PRO D 192 -21.39 -27.74 -12.31
CA PRO D 192 -21.58 -29.01 -13.07
C PRO D 192 -21.72 -28.80 -14.58
N VAL D 193 -22.08 -27.58 -15.01
CA VAL D 193 -22.22 -27.22 -16.42
C VAL D 193 -20.80 -27.06 -17.03
N LEU D 194 -19.85 -26.55 -16.24
CA LEU D 194 -18.45 -26.37 -16.66
C LEU D 194 -17.68 -27.69 -16.75
N ILE D 195 -18.12 -28.70 -15.98
CA ILE D 195 -17.52 -30.04 -15.95
C ILE D 195 -17.72 -30.75 -17.31
N GLN D 196 -18.99 -30.84 -17.78
CA GLN D 196 -19.34 -31.50 -19.05
C GLN D 196 -18.77 -30.78 -20.29
N HIS D 197 -18.47 -29.47 -20.18
CA HIS D 197 -17.89 -28.69 -21.26
C HIS D 197 -16.40 -28.44 -20.96
N ARG D 198 -15.61 -29.53 -20.91
CA ARG D 198 -14.19 -29.49 -20.60
C ARG D 198 -13.35 -29.57 -21.87
#